data_8OMX
#
_entry.id   8OMX
#
_cell.length_a   112.740
_cell.length_b   75.501
_cell.length_c   71.503
_cell.angle_alpha   90.00
_cell.angle_beta   111.77
_cell.angle_gamma   90.00
#
_symmetry.space_group_name_H-M   'C 1 2 1'
#
loop_
_entity.id
_entity.type
_entity.pdbx_description
1 polymer 'Carbon monoxide dehydrogenase 2'
2 non-polymer 'IRON/SULFUR CLUSTER'
3 non-polymer 'FE2/S2 (INORGANIC) CLUSTER'
4 non-polymer 'FE(4)-NI(1)-S(5) CLUSTER'
5 non-polymer 'FE (II) ION'
6 non-polymer 'HYDROSULFURIC ACID'
7 water water
#
_entity_poly.entity_id   1
_entity_poly.type   'polypeptide(L)'
_entity_poly.pdbx_seq_one_letter_code
;MAKQNLKSTDRAVQQMLDKAKREGIQTVWDRYEAMKPQCGFGETGLCCRHCLQGPCRINPFGDEPKVGICGATAEVIVAR
GLDRSIAAGAAGHSGHAKHLAHTLKKAVQGKAASYMIKDRTKLHSIAKRLGIPTEGQKDEDIALEVAKAALADFHEKDTP
VLWVTTVLPPSRVKVLSAHGLIPAGIDHEIAEIMHRTSMGCDADAQNLLLGGLRCSLADLAGCYMGTDLADILFGTPAPV
VTESNLGVLKADAVNVAVHGHNPVLSDIIVSVSKEMENEARAAGATGINVVGICCTGNEVLMRHGIPACTHSVSQEMAMI
TGALDAMILDYQCIQPSVATIAECTGTTVITTMEMSKITGATHVNFAEEAAVENAKQILRLAIDTFKRRKGKPVEIPNIK
TKVVAGFSTEAIINALSKLNANDPLKPLIDNVVNGNIRGVCLFAGCNNVKVPQDQNFTTIARKLLKQNVLVVATGCGAGA
LMRHGFMDPANVDELCGDGLKAVLTAIGEANGLGGPLPPVLHMGSCVDNSRAVALVAALANRLGVDLDRLPVVASAAEAM
HEKAVAIGTWAVTIGLPTHIGVLPPITGSLPVTQILTSSVKDITGGYFIVELDPETAADKLLAAINERRAGLGLPW
;
_entity_poly.pdbx_strand_id   X
#
# COMPACT_ATOMS: atom_id res chain seq x y z
N GLN A 4 -1.42 -11.83 24.95
CA GLN A 4 -1.61 -11.70 23.48
C GLN A 4 -1.50 -10.25 23.04
N ASN A 5 -1.62 -9.34 24.01
CA ASN A 5 -1.46 -7.91 23.69
C ASN A 5 -0.01 -7.56 23.36
N LEU A 6 0.95 -8.44 23.66
CA LEU A 6 2.31 -8.24 23.17
C LEU A 6 2.41 -8.58 21.68
N LYS A 7 1.48 -9.36 21.15
CA LYS A 7 1.47 -9.78 19.76
C LYS A 7 0.67 -8.81 18.91
N SER A 8 -0.51 -8.44 19.38
CA SER A 8 -1.37 -7.54 18.62
C SER A 8 -2.12 -6.61 19.57
N THR A 9 -2.23 -5.34 19.19
CA THR A 9 -3.11 -4.43 19.94
C THR A 9 -4.59 -4.52 19.51
N ASP A 10 -4.92 -5.34 18.52
CA ASP A 10 -6.30 -5.54 18.08
C ASP A 10 -6.97 -6.59 18.95
N ARG A 11 -8.07 -6.23 19.61
CA ARG A 11 -8.68 -7.17 20.54
C ARG A 11 -9.32 -8.35 19.83
N ALA A 12 -9.77 -8.17 18.59
CA ALA A 12 -10.33 -9.32 17.88
C ALA A 12 -9.24 -10.32 17.56
N VAL A 13 -8.07 -9.81 17.18
CA VAL A 13 -6.91 -10.67 16.92
C VAL A 13 -6.48 -11.40 18.18
N GLN A 14 -6.49 -10.71 19.31
CA GLN A 14 -6.15 -11.35 20.58
C GLN A 14 -7.08 -12.52 20.85
N GLN A 15 -8.37 -12.32 20.64
CA GLN A 15 -9.32 -13.40 20.88
C GLN A 15 -9.04 -14.61 19.98
N MET A 16 -8.74 -14.37 18.70
CA MET A 16 -8.43 -15.50 17.81
C MET A 16 -7.08 -16.12 18.14
N LEU A 17 -6.12 -15.35 18.66
CA LEU A 17 -4.87 -15.95 19.08
C LEU A 17 -5.11 -16.94 20.21
N ASP A 18 -6.02 -16.60 21.13
CA ASP A 18 -6.37 -17.56 22.18
C ASP A 18 -6.99 -18.83 21.58
N LYS A 19 -7.85 -18.68 20.57
CA LYS A 19 -8.48 -19.84 19.98
C LYS A 19 -7.45 -20.68 19.24
N ALA A 20 -6.55 -20.04 18.49
CA ALA A 20 -5.54 -20.81 17.79
C ALA A 20 -4.66 -21.56 18.78
N LYS A 21 -4.37 -20.93 19.93
CA LYS A 21 -3.51 -21.58 20.93
C LYS A 21 -4.17 -22.84 21.45
N ARG A 22 -5.43 -22.75 21.85
CA ARG A 22 -6.00 -23.94 22.45
C ARG A 22 -6.32 -25.01 21.41
N GLU A 23 -6.42 -24.63 20.13
CA GLU A 23 -6.63 -25.60 19.06
C GLU A 23 -5.33 -26.12 18.47
N GLY A 24 -4.19 -25.61 18.92
CA GLY A 24 -2.91 -26.07 18.40
C GLY A 24 -2.59 -25.62 16.99
N ILE A 25 -3.17 -24.53 16.52
CA ILE A 25 -2.89 -24.01 15.18
C ILE A 25 -1.76 -23.02 15.30
N GLN A 26 -0.63 -23.31 14.65
CA GLN A 26 0.51 -22.41 14.64
C GLN A 26 0.21 -21.15 13.83
N THR A 27 0.64 -20.00 14.36
CA THR A 27 0.42 -18.69 13.73
C THR A 27 1.75 -18.05 13.34
N VAL A 28 1.65 -16.92 12.65
CA VAL A 28 2.81 -16.13 12.28
C VAL A 28 3.61 -15.73 13.52
N TRP A 29 2.94 -15.48 14.64
CA TRP A 29 3.68 -15.11 15.84
C TRP A 29 4.43 -16.31 16.40
N ASP A 30 3.83 -17.50 16.34
CA ASP A 30 4.53 -18.70 16.77
C ASP A 30 5.74 -18.99 15.89
N ARG A 31 5.61 -18.78 14.58
CA ARG A 31 6.73 -19.05 13.68
C ARG A 31 7.83 -18.01 13.87
N TYR A 32 7.45 -16.79 14.23
CA TYR A 32 8.42 -15.78 14.62
C TYR A 32 9.18 -16.20 15.88
N GLU A 33 8.46 -16.58 16.94
CA GLU A 33 9.13 -17.01 18.16
C GLU A 33 10.12 -18.13 17.87
N ALA A 34 9.76 -19.05 16.97
CA ALA A 34 10.62 -20.18 16.67
C ALA A 34 11.86 -19.78 15.91
N MET A 35 11.87 -18.57 15.31
CA MET A 35 12.97 -18.06 14.51
C MET A 35 13.98 -17.30 15.35
N LYS A 36 13.67 -17.00 16.59
CA LYS A 36 14.54 -16.21 17.45
C LYS A 36 15.62 -17.09 18.03
N PRO A 37 16.84 -16.58 18.18
CA PRO A 37 17.30 -15.25 17.76
C PRO A 37 17.58 -15.25 16.28
N GLN A 38 17.20 -14.19 15.57
CA GLN A 38 17.40 -14.10 14.13
C GLN A 38 18.85 -13.73 13.83
N CYS A 39 19.25 -14.04 12.61
CA CYS A 39 20.62 -13.79 12.17
C CYS A 39 20.93 -12.32 12.13
N GLY A 40 21.94 -11.90 12.91
CA GLY A 40 22.32 -10.51 12.93
C GLY A 40 23.05 -10.03 11.69
N PHE A 41 23.71 -10.93 10.97
CA PHE A 41 24.31 -10.51 9.70
C PHE A 41 23.23 -10.07 8.72
N GLY A 42 22.21 -10.90 8.54
CA GLY A 42 21.11 -10.48 7.68
C GLY A 42 20.39 -9.24 8.19
N GLU A 43 20.19 -9.15 9.50
CA GLU A 43 19.40 -8.03 10.04
C GLU A 43 20.09 -6.70 9.77
N THR A 44 21.42 -6.68 9.81
CA THR A 44 22.21 -5.47 9.60
C THR A 44 22.56 -5.23 8.13
N GLY A 45 22.25 -6.17 7.24
CA GLY A 45 22.58 -6.06 5.85
C GLY A 45 23.93 -6.63 5.46
N LEU A 46 24.69 -7.17 6.41
CA LEU A 46 26.06 -7.63 6.17
C LEU A 46 26.08 -9.11 5.82
N CYS A 47 25.31 -9.45 4.81
CA CYS A 47 25.34 -10.78 4.22
C CYS A 47 25.10 -10.66 2.71
N CYS A 48 25.82 -11.46 1.94
CA CYS A 48 25.71 -11.44 0.48
C CYS A 48 25.72 -12.86 0.00
N ARG A 49 24.72 -13.21 -0.84
CA ARG A 49 24.66 -14.48 -1.52
C ARG A 49 24.56 -14.26 -3.03
N HIS A 50 25.17 -13.20 -3.55
CA HIS A 50 24.98 -12.94 -4.98
C HIS A 50 25.87 -13.78 -5.87
N CYS A 51 26.72 -14.65 -5.34
CA CYS A 51 27.40 -15.64 -6.17
C CYS A 51 27.67 -16.88 -5.34
N LEU A 52 28.09 -17.94 -6.04
CA LEU A 52 28.29 -19.25 -5.41
C LEU A 52 29.62 -19.36 -4.68
N GLN A 53 30.38 -18.27 -4.55
CA GLN A 53 31.48 -18.23 -3.61
C GLN A 53 30.98 -17.94 -2.21
N GLY A 54 29.78 -17.38 -2.11
CA GLY A 54 29.21 -17.07 -0.81
C GLY A 54 28.63 -18.31 -0.14
N PRO A 55 27.93 -18.08 0.95
CA PRO A 55 27.60 -16.77 1.50
C PRO A 55 28.77 -16.06 2.10
N CYS A 56 28.76 -14.76 1.91
CA CYS A 56 29.71 -13.89 2.58
C CYS A 56 28.99 -13.09 3.65
N ARG A 57 29.62 -12.99 4.78
CA ARG A 57 29.13 -12.11 5.82
CA ARG A 57 29.21 -12.25 5.97
C ARG A 57 30.28 -11.23 6.30
N ILE A 58 29.89 -10.15 6.98
CA ILE A 58 30.86 -9.22 7.56
C ILE A 58 30.45 -8.96 8.99
N ASN A 59 31.40 -9.07 9.92
CA ASN A 59 31.07 -8.77 11.31
C ASN A 59 30.80 -7.27 11.42
N PRO A 60 29.67 -6.85 12.01
CA PRO A 60 29.45 -5.42 12.25
C PRO A 60 30.63 -4.77 12.96
N PHE A 61 31.19 -5.47 13.95
CA PHE A 61 32.34 -4.99 14.71
C PHE A 61 33.22 -6.16 15.07
N GLY A 62 34.51 -5.85 15.24
CA GLY A 62 35.48 -6.79 15.74
C GLY A 62 36.49 -7.14 14.69
N ASP A 63 36.66 -8.43 14.46
CA ASP A 63 37.73 -8.92 13.61
C ASP A 63 37.14 -9.49 12.32
N GLU A 64 37.93 -10.28 11.60
CA GLU A 64 37.53 -10.78 10.31
CA GLU A 64 37.50 -10.75 10.31
C GLU A 64 36.38 -11.79 10.45
N PRO A 65 35.55 -11.94 9.43
CA PRO A 65 35.59 -11.31 8.11
C PRO A 65 35.18 -9.84 8.11
N LYS A 66 35.99 -9.04 7.42
CA LYS A 66 35.75 -7.61 7.21
C LYS A 66 35.29 -7.25 5.80
N VAL A 67 35.43 -8.14 4.82
CA VAL A 67 35.18 -7.83 3.43
C VAL A 67 34.69 -9.12 2.78
N GLY A 68 33.86 -8.98 1.75
CA GLY A 68 33.41 -10.13 0.98
C GLY A 68 34.57 -10.78 0.22
N ILE A 69 34.31 -11.99 -0.23
CA ILE A 69 35.39 -12.76 -0.84
C ILE A 69 35.86 -12.09 -2.14
N CYS A 70 34.95 -11.51 -2.92
CA CYS A 70 35.36 -10.82 -4.14
C CYS A 70 35.95 -9.46 -3.89
N GLY A 71 35.93 -8.98 -2.65
CA GLY A 71 36.37 -7.62 -2.34
C GLY A 71 35.25 -6.68 -1.99
N ALA A 72 34.00 -7.12 -2.06
CA ALA A 72 32.87 -6.23 -1.80
C ALA A 72 32.89 -5.76 -0.35
N THR A 73 32.87 -4.45 -0.18
CA THR A 73 32.87 -3.85 1.15
C THR A 73 31.47 -3.91 1.78
N ALA A 74 31.41 -3.57 3.08
CA ALA A 74 30.13 -3.50 3.75
C ALA A 74 29.21 -2.54 3.04
N GLU A 75 29.75 -1.43 2.59
CA GLU A 75 28.83 -0.46 2.01
CA GLU A 75 28.96 -0.39 1.93
C GLU A 75 28.31 -0.95 0.67
N VAL A 76 29.09 -1.67 -0.12
CA VAL A 76 28.61 -2.24 -1.36
C VAL A 76 27.57 -3.32 -1.08
N ILE A 77 27.90 -4.28 -0.20
CA ILE A 77 26.95 -5.34 0.15
C ILE A 77 25.62 -4.78 0.62
N VAL A 78 25.64 -3.78 1.53
CA VAL A 78 24.38 -3.22 2.02
C VAL A 78 23.61 -2.51 0.90
N ALA A 79 24.31 -1.72 0.08
CA ALA A 79 23.61 -1.00 -0.99
C ALA A 79 23.04 -1.95 -2.04
N ARG A 80 23.76 -3.02 -2.37
CA ARG A 80 23.26 -3.98 -3.36
C ARG A 80 22.02 -4.71 -2.86
N GLY A 81 22.02 -5.13 -1.59
CA GLY A 81 20.85 -5.79 -1.05
C GLY A 81 19.64 -4.88 -1.03
N LEU A 82 19.85 -3.63 -0.64
CA LEU A 82 18.78 -2.65 -0.64
C LEU A 82 18.25 -2.42 -2.03
N ASP A 83 19.14 -2.24 -3.00
CA ASP A 83 18.69 -2.04 -4.37
C ASP A 83 17.84 -3.19 -4.86
N ARG A 84 18.25 -4.45 -4.60
CA ARG A 84 17.42 -5.56 -5.07
C ARG A 84 16.04 -5.53 -4.41
N SER A 85 15.91 -5.08 -3.16
CA SER A 85 14.60 -5.04 -2.53
CA SER A 85 14.60 -5.04 -2.54
C SER A 85 13.72 -4.00 -3.21
N ILE A 86 14.30 -2.88 -3.60
CA ILE A 86 13.55 -1.86 -4.33
C ILE A 86 13.08 -2.40 -5.67
N ALA A 87 13.97 -3.06 -6.41
CA ALA A 87 13.58 -3.63 -7.68
C ALA A 87 12.46 -4.65 -7.52
N ALA A 88 12.55 -5.48 -6.47
CA ALA A 88 11.48 -6.45 -6.25
C ALA A 88 10.16 -5.76 -5.92
N GLY A 89 10.19 -4.70 -5.12
CA GLY A 89 8.97 -3.96 -4.87
C GLY A 89 8.41 -3.35 -6.15
N ALA A 90 9.28 -2.72 -6.95
CA ALA A 90 8.87 -2.14 -8.21
C ALA A 90 8.24 -3.21 -9.10
N ALA A 91 8.79 -4.43 -9.07
CA ALA A 91 8.27 -5.51 -9.90
C ALA A 91 6.87 -5.93 -9.49
N GLY A 92 6.54 -5.81 -8.20
CA GLY A 92 5.22 -6.17 -7.76
C GLY A 92 4.21 -5.09 -8.12
N HIS A 93 4.49 -3.84 -7.77
CA HIS A 93 3.51 -2.79 -8.07
C HIS A 93 3.31 -2.63 -9.57
N SER A 94 4.38 -2.74 -10.33
CA SER A 94 4.24 -2.55 -11.76
C SER A 94 3.74 -3.81 -12.48
N GLY A 95 3.92 -5.01 -11.91
CA GLY A 95 3.27 -6.19 -12.46
C GLY A 95 1.76 -6.07 -12.30
N HIS A 96 1.32 -5.60 -11.14
CA HIS A 96 -0.09 -5.28 -10.91
C HIS A 96 -0.61 -4.29 -11.96
N ALA A 97 0.12 -3.20 -12.20
CA ALA A 97 -0.32 -2.21 -13.17
C ALA A 97 -0.34 -2.77 -14.58
N LYS A 98 0.69 -3.53 -14.93
CA LYS A 98 0.76 -4.14 -16.25
C LYS A 98 -0.45 -5.03 -16.50
N HIS A 99 -0.87 -5.79 -15.49
CA HIS A 99 -2.03 -6.64 -15.71
CA HIS A 99 -2.04 -6.64 -15.62
C HIS A 99 -3.28 -5.81 -15.94
N LEU A 100 -3.45 -4.69 -15.22
CA LEU A 100 -4.60 -3.83 -15.46
C LEU A 100 -4.54 -3.20 -16.86
N ALA A 101 -3.33 -2.87 -17.32
CA ALA A 101 -3.20 -2.32 -18.67
C ALA A 101 -3.66 -3.31 -19.72
N HIS A 102 -3.26 -4.58 -19.57
CA HIS A 102 -3.76 -5.60 -20.49
C HIS A 102 -5.27 -5.79 -20.36
N THR A 103 -5.81 -5.71 -19.13
CA THR A 103 -7.25 -5.85 -18.94
C THR A 103 -8.00 -4.73 -19.67
N LEU A 104 -7.52 -3.49 -19.56
CA LEU A 104 -8.19 -2.37 -20.22
C LEU A 104 -8.16 -2.55 -21.73
N LYS A 105 -7.00 -2.93 -22.28
CA LYS A 105 -6.91 -3.18 -23.72
C LYS A 105 -7.91 -4.24 -24.14
N LYS A 106 -7.95 -5.36 -23.43
CA LYS A 106 -8.91 -6.40 -23.74
C LYS A 106 -10.33 -5.87 -23.73
N ALA A 107 -10.67 -5.09 -22.69
CA ALA A 107 -12.04 -4.62 -22.53
C ALA A 107 -12.51 -3.87 -23.76
N VAL A 108 -11.70 -2.91 -24.21
CA VAL A 108 -12.14 -2.01 -25.28
C VAL A 108 -11.93 -2.60 -26.66
N GLN A 109 -11.17 -3.69 -26.76
CA GLN A 109 -11.07 -4.51 -27.96
C GLN A 109 -12.22 -5.51 -28.09
N GLY A 110 -13.21 -5.48 -27.21
CA GLY A 110 -14.33 -6.39 -27.29
C GLY A 110 -14.07 -7.79 -26.81
N LYS A 111 -12.92 -8.02 -26.15
CA LYS A 111 -12.48 -9.35 -25.76
C LYS A 111 -12.85 -9.74 -24.34
N ALA A 112 -13.47 -8.84 -23.55
CA ALA A 112 -13.78 -9.18 -22.16
C ALA A 112 -14.91 -8.25 -21.71
N ALA A 113 -16.15 -8.66 -21.97
CA ALA A 113 -17.29 -7.78 -21.76
C ALA A 113 -17.64 -7.60 -20.29
N SER A 114 -17.05 -8.37 -19.36
CA SER A 114 -17.27 -8.10 -17.95
C SER A 114 -16.58 -6.83 -17.50
N TYR A 115 -15.69 -6.29 -18.33
CA TYR A 115 -14.93 -5.10 -18.03
C TYR A 115 -15.28 -4.00 -19.03
N MET A 116 -15.11 -2.76 -18.61
CA MET A 116 -15.58 -1.64 -19.38
C MET A 116 -14.94 -0.36 -18.84
N ILE A 117 -15.14 0.72 -19.59
CA ILE A 117 -14.76 2.06 -19.11
C ILE A 117 -15.88 2.51 -18.18
N LYS A 118 -15.61 2.52 -16.88
CA LYS A 118 -16.62 3.01 -15.95
C LYS A 118 -16.45 4.49 -15.61
N ASP A 119 -15.22 5.00 -15.60
CA ASP A 119 -14.96 6.41 -15.32
C ASP A 119 -14.42 7.08 -16.58
N ARG A 120 -15.34 7.62 -17.37
CA ARG A 120 -14.99 8.31 -18.60
C ARG A 120 -14.23 9.58 -18.32
N THR A 121 -14.64 10.30 -17.26
CA THR A 121 -13.97 11.53 -16.86
C THR A 121 -12.50 11.25 -16.55
N LYS A 122 -12.25 10.21 -15.77
CA LYS A 122 -10.87 9.84 -15.43
C LYS A 122 -10.09 9.47 -16.69
N LEU A 123 -10.70 8.69 -17.58
CA LEU A 123 -10.04 8.30 -18.84
C LEU A 123 -9.58 9.52 -19.61
N HIS A 124 -10.47 10.51 -19.78
CA HIS A 124 -10.12 11.66 -20.59
C HIS A 124 -9.05 12.51 -19.92
N SER A 125 -9.08 12.62 -18.58
CA SER A 125 -8.07 13.46 -17.92
C SER A 125 -6.70 12.80 -17.96
N ILE A 126 -6.66 11.47 -17.81
CA ILE A 126 -5.40 10.76 -17.97
C ILE A 126 -4.86 10.95 -19.39
N ALA A 127 -5.72 10.73 -20.40
CA ALA A 127 -5.30 10.97 -21.78
C ALA A 127 -4.73 12.37 -21.94
N LYS A 128 -5.40 13.37 -21.38
CA LYS A 128 -4.93 14.74 -21.49
C LYS A 128 -3.57 14.92 -20.80
N ARG A 129 -3.43 14.37 -19.59
CA ARG A 129 -2.15 14.42 -18.87
C ARG A 129 -1.01 13.84 -19.71
N LEU A 130 -1.29 12.76 -20.45
CA LEU A 130 -0.28 12.09 -21.24
C LEU A 130 -0.07 12.72 -22.60
N GLY A 131 -0.88 13.70 -22.97
CA GLY A 131 -0.81 14.25 -24.31
C GLY A 131 -1.46 13.41 -25.38
N ILE A 132 -2.42 12.56 -25.02
CA ILE A 132 -3.14 11.75 -26.01
C ILE A 132 -4.36 12.55 -26.45
N PRO A 133 -4.61 12.68 -27.75
CA PRO A 133 -5.75 13.51 -28.19
C PRO A 133 -7.08 12.83 -27.89
N THR A 134 -8.04 13.63 -27.42
CA THR A 134 -9.39 13.16 -27.14
C THR A 134 -10.43 13.72 -28.07
N GLU A 135 -10.27 14.98 -28.48
CA GLU A 135 -11.25 15.65 -29.33
C GLU A 135 -11.53 14.85 -30.58
N GLY A 136 -12.80 14.47 -30.75
CA GLY A 136 -13.24 13.74 -31.91
C GLY A 136 -12.90 12.27 -31.92
N GLN A 137 -12.45 11.71 -30.79
CA GLN A 137 -12.07 10.32 -30.71
C GLN A 137 -13.11 9.49 -29.95
N LYS A 138 -13.30 8.26 -30.39
CA LYS A 138 -14.07 7.29 -29.64
C LYS A 138 -13.42 7.06 -28.27
N ASP A 139 -14.23 6.82 -27.24
CA ASP A 139 -13.66 6.47 -25.94
C ASP A 139 -12.82 5.20 -26.01
N GLU A 140 -13.28 4.20 -26.77
CA GLU A 140 -12.55 2.95 -26.85
C GLU A 140 -11.18 3.16 -27.47
N ASP A 141 -11.05 4.16 -28.34
CA ASP A 141 -9.77 4.42 -28.97
C ASP A 141 -8.87 5.24 -28.06
N ILE A 142 -9.44 6.16 -27.30
CA ILE A 142 -8.67 6.89 -26.30
C ILE A 142 -8.08 5.91 -25.30
N ALA A 143 -8.93 5.00 -24.83
CA ALA A 143 -8.51 3.99 -23.87
C ALA A 143 -7.48 3.04 -24.48
N LEU A 144 -7.63 2.69 -25.75
CA LEU A 144 -6.62 1.82 -26.35
C LEU A 144 -5.27 2.53 -26.36
N GLU A 145 -5.28 3.84 -26.64
CA GLU A 145 -4.06 4.62 -26.62
C GLU A 145 -3.49 4.72 -25.21
N VAL A 146 -4.35 4.88 -24.20
CA VAL A 146 -3.86 4.97 -22.82
C VAL A 146 -3.23 3.64 -22.41
N ALA A 147 -3.88 2.53 -22.76
CA ALA A 147 -3.31 1.24 -22.41
C ALA A 147 -1.97 1.03 -23.12
N LYS A 148 -1.88 1.44 -24.39
CA LYS A 148 -0.62 1.32 -25.12
C LYS A 148 0.47 2.15 -24.47
N ALA A 149 0.11 3.35 -24.03
CA ALA A 149 1.07 4.22 -23.35
C ALA A 149 1.53 3.61 -22.04
N ALA A 150 0.60 3.00 -21.30
CA ALA A 150 0.96 2.30 -20.06
C ALA A 150 1.97 1.19 -20.35
N LEU A 151 1.68 0.36 -21.34
CA LEU A 151 2.60 -0.74 -21.63
C LEU A 151 3.94 -0.22 -22.14
N ALA A 152 3.92 0.93 -22.83
CA ALA A 152 5.15 1.49 -23.40
C ALA A 152 6.10 1.95 -22.31
N ASP A 153 5.57 2.33 -21.15
CA ASP A 153 6.43 2.84 -20.10
C ASP A 153 7.25 1.74 -19.44
N PHE A 154 7.02 0.46 -19.77
CA PHE A 154 7.82 -0.61 -19.19
C PHE A 154 9.16 -0.79 -19.87
N HIS A 155 9.39 -0.16 -21.04
CA HIS A 155 10.62 -0.34 -21.79
C HIS A 155 11.17 0.99 -22.27
N GLU A 156 12.41 0.97 -22.74
CA GLU A 156 12.98 2.18 -23.32
C GLU A 156 12.21 2.60 -24.56
N LYS A 157 12.21 3.89 -24.83
CA LYS A 157 11.54 4.48 -25.98
C LYS A 157 12.07 5.90 -26.10
N ASP A 158 11.45 6.72 -26.96
CA ASP A 158 12.01 8.04 -27.16
C ASP A 158 11.66 9.02 -26.04
N THR A 159 10.75 8.66 -25.15
CA THR A 159 10.41 9.44 -23.98
C THR A 159 10.73 8.66 -22.72
N PRO A 160 10.98 9.33 -21.62
CA PRO A 160 11.15 8.63 -20.35
C PRO A 160 9.82 8.09 -19.85
N VAL A 161 9.80 7.56 -18.63
CA VAL A 161 8.57 7.00 -18.09
C VAL A 161 7.60 8.16 -17.83
N LEU A 162 6.50 8.18 -18.60
CA LEU A 162 5.51 9.25 -18.49
C LEU A 162 4.72 9.17 -17.21
N TRP A 163 4.56 7.98 -16.62
CA TRP A 163 3.90 7.95 -15.33
C TRP A 163 4.83 8.35 -14.20
N VAL A 164 6.02 8.87 -14.52
CA VAL A 164 6.77 9.75 -13.63
C VAL A 164 6.72 11.19 -14.09
N THR A 165 7.16 11.47 -15.32
CA THR A 165 7.40 12.85 -15.71
C THR A 165 6.13 13.67 -15.86
N THR A 166 4.97 13.05 -16.05
CA THR A 166 3.73 13.83 -16.19
C THR A 166 2.95 13.93 -14.89
N VAL A 167 3.45 13.35 -13.78
CA VAL A 167 2.70 13.36 -12.52
C VAL A 167 3.39 14.15 -11.43
N LEU A 168 4.63 14.58 -11.63
CA LEU A 168 5.32 15.46 -10.68
C LEU A 168 5.47 16.85 -11.28
N PRO A 169 5.63 17.87 -10.46
CA PRO A 169 5.85 19.24 -10.98
C PRO A 169 7.08 19.31 -11.87
N PRO A 170 7.05 20.12 -12.92
CA PRO A 170 8.27 20.27 -13.75
C PRO A 170 9.53 20.59 -12.95
N SER A 171 9.43 21.36 -11.86
CA SER A 171 10.63 21.69 -11.10
C SER A 171 11.24 20.45 -10.46
N ARG A 172 10.38 19.54 -10.01
CA ARG A 172 10.84 18.28 -9.43
C ARG A 172 11.45 17.39 -10.50
N VAL A 173 10.80 17.29 -11.66
CA VAL A 173 11.38 16.51 -12.75
C VAL A 173 12.74 17.07 -13.12
N LYS A 174 12.89 18.39 -13.09
CA LYS A 174 14.18 18.97 -13.42
C LYS A 174 15.25 18.56 -12.41
N VAL A 175 14.93 18.64 -11.12
CA VAL A 175 15.89 18.23 -10.10
C VAL A 175 16.29 16.77 -10.30
N LEU A 176 15.30 15.92 -10.57
CA LEU A 176 15.60 14.50 -10.71
C LEU A 176 16.40 14.23 -11.97
N SER A 177 16.04 14.87 -13.09
CA SER A 177 16.77 14.70 -14.34
CA SER A 177 16.77 14.67 -14.32
C SER A 177 18.22 15.09 -14.18
N ALA A 178 18.48 16.15 -13.40
CA ALA A 178 19.85 16.64 -13.25
C ALA A 178 20.73 15.63 -12.55
N HIS A 179 20.14 14.76 -11.73
CA HIS A 179 20.85 13.68 -11.06
C HIS A 179 20.70 12.35 -11.79
N GLY A 180 20.14 12.36 -13.01
CA GLY A 180 19.96 11.13 -13.77
C GLY A 180 19.00 10.15 -13.13
N LEU A 181 17.98 10.62 -12.40
CA LEU A 181 17.12 9.73 -11.63
C LEU A 181 15.79 9.42 -12.31
N ILE A 182 15.50 10.00 -13.46
CA ILE A 182 14.23 9.69 -14.13
C ILE A 182 14.35 8.32 -14.79
N PRO A 183 13.45 7.38 -14.51
CA PRO A 183 13.55 6.05 -15.13
C PRO A 183 13.35 6.11 -16.63
N ALA A 184 14.05 5.22 -17.32
CA ALA A 184 13.91 5.07 -18.77
C ALA A 184 12.78 4.13 -19.16
N GLY A 185 12.46 3.18 -18.30
CA GLY A 185 11.46 2.17 -18.52
C GLY A 185 11.32 1.39 -17.23
N ILE A 186 10.13 0.93 -16.88
CA ILE A 186 9.92 0.31 -15.58
C ILE A 186 10.66 -1.02 -15.49
N ASP A 187 10.42 -1.93 -16.44
CA ASP A 187 11.14 -3.20 -16.37
C ASP A 187 12.61 -3.04 -16.74
N HIS A 188 12.92 -2.03 -17.56
CA HIS A 188 14.30 -1.71 -17.85
C HIS A 188 15.10 -1.41 -16.58
N GLU A 189 14.53 -0.60 -15.67
CA GLU A 189 15.24 -0.25 -14.45
C GLU A 189 15.35 -1.45 -13.53
N ILE A 190 14.29 -2.25 -13.44
CA ILE A 190 14.34 -3.45 -12.59
C ILE A 190 15.48 -4.34 -13.04
N ALA A 191 15.57 -4.59 -14.36
CA ALA A 191 16.65 -5.43 -14.86
C ALA A 191 18.02 -4.79 -14.64
N GLU A 192 18.12 -3.48 -14.82
CA GLU A 192 19.43 -2.84 -14.63
C GLU A 192 19.86 -2.92 -13.18
N ILE A 193 18.92 -2.87 -12.25
CA ILE A 193 19.27 -3.08 -10.85
C ILE A 193 19.85 -4.48 -10.66
N MET A 194 19.15 -5.49 -11.17
CA MET A 194 19.61 -6.85 -10.97
C MET A 194 20.97 -7.09 -11.59
N HIS A 195 21.22 -6.48 -12.75
CA HIS A 195 22.52 -6.50 -13.38
C HIS A 195 23.57 -5.82 -12.51
N ARG A 196 23.36 -4.55 -12.16
CA ARG A 196 24.42 -3.78 -11.53
C ARG A 196 24.75 -4.31 -10.13
N THR A 197 23.82 -5.01 -9.49
CA THR A 197 24.04 -5.58 -8.16
C THR A 197 24.58 -7.00 -8.21
N SER A 198 24.67 -7.59 -9.40
CA SER A 198 25.25 -8.91 -9.54
C SER A 198 26.77 -8.84 -9.34
N MET A 199 27.39 -10.01 -9.15
CA MET A 199 28.79 -10.07 -8.75
C MET A 199 29.68 -9.35 -9.76
N GLY A 200 30.62 -8.56 -9.26
CA GLY A 200 31.64 -7.94 -10.07
C GLY A 200 31.16 -6.83 -10.96
N CYS A 201 30.08 -6.15 -10.56
CA CYS A 201 29.53 -5.04 -11.33
CA CYS A 201 29.52 -5.05 -11.34
C CYS A 201 29.65 -3.79 -10.47
N ASP A 202 28.55 -3.11 -10.18
CA ASP A 202 28.63 -1.82 -9.51
C ASP A 202 29.12 -2.02 -8.08
N ALA A 203 30.08 -1.20 -7.66
CA ALA A 203 30.75 -1.37 -6.39
C ALA A 203 31.12 0.01 -5.84
N ASP A 204 30.17 0.94 -5.89
CA ASP A 204 30.32 2.26 -5.31
C ASP A 204 28.99 2.58 -4.65
N ALA A 205 28.98 2.84 -3.35
CA ALA A 205 27.72 2.97 -2.62
C ALA A 205 26.85 4.09 -3.20
N GLN A 206 27.43 5.27 -3.43
CA GLN A 206 26.65 6.37 -3.97
C GLN A 206 26.06 6.03 -5.33
N ASN A 207 26.86 5.45 -6.23
CA ASN A 207 26.35 5.08 -7.54
C ASN A 207 25.21 4.07 -7.41
N LEU A 208 25.40 3.06 -6.56
CA LEU A 208 24.37 2.03 -6.36
C LEU A 208 23.08 2.66 -5.88
N LEU A 209 23.19 3.54 -4.90
CA LEU A 209 22.00 4.10 -4.29
C LEU A 209 21.29 5.06 -5.21
N LEU A 210 22.02 5.79 -6.04
CA LEU A 210 21.38 6.58 -7.09
C LEU A 210 20.56 5.68 -8.00
N GLY A 211 21.10 4.50 -8.35
CA GLY A 211 20.31 3.55 -9.11
C GLY A 211 19.04 3.12 -8.38
N GLY A 212 19.14 2.93 -7.07
CA GLY A 212 17.98 2.56 -6.29
C GLY A 212 16.92 3.65 -6.28
N LEU A 213 17.33 4.91 -6.18
CA LEU A 213 16.37 6.00 -6.22
C LEU A 213 15.65 6.01 -7.58
N ARG A 214 16.39 5.85 -8.67
CA ARG A 214 15.74 5.78 -9.97
C ARG A 214 14.78 4.61 -10.05
N CYS A 215 15.19 3.42 -9.56
CA CYS A 215 14.26 2.30 -9.59
C CYS A 215 13.05 2.56 -8.70
N SER A 216 13.20 3.29 -7.59
CA SER A 216 12.01 3.57 -6.79
C SER A 216 11.03 4.43 -7.58
N LEU A 217 11.51 5.31 -8.46
CA LEU A 217 10.56 6.07 -9.27
C LEU A 217 9.85 5.18 -10.31
N ALA A 218 10.51 4.11 -10.77
CA ALA A 218 9.82 3.09 -11.56
C ALA A 218 8.71 2.44 -10.73
N ASP A 219 8.95 2.26 -9.43
CA ASP A 219 7.87 1.77 -8.57
C ASP A 219 6.73 2.78 -8.48
N LEU A 220 7.07 4.06 -8.31
CA LEU A 220 6.03 5.10 -8.25
C LEU A 220 5.19 5.10 -9.51
N ALA A 221 5.86 4.99 -10.66
CA ALA A 221 5.14 4.92 -11.92
C ALA A 221 4.17 3.74 -11.93
N GLY A 222 4.63 2.59 -11.47
CA GLY A 222 3.74 1.44 -11.41
C GLY A 222 2.55 1.68 -10.49
N CYS A 223 2.80 2.30 -9.33
CA CYS A 223 1.69 2.62 -8.43
C CYS A 223 0.69 3.53 -9.11
N TYR A 224 1.19 4.60 -9.71
CA TYR A 224 0.31 5.62 -10.27
C TYR A 224 -0.44 5.07 -11.46
N MET A 225 0.25 4.29 -12.30
CA MET A 225 -0.41 3.59 -13.39
C MET A 225 -1.49 2.65 -12.86
N GLY A 226 -1.21 1.92 -11.78
CA GLY A 226 -2.20 1.00 -11.27
C GLY A 226 -3.44 1.72 -10.77
N THR A 227 -3.25 2.83 -10.07
CA THR A 227 -4.39 3.62 -9.60
C THR A 227 -5.18 4.19 -10.76
N ASP A 228 -4.48 4.78 -11.73
CA ASP A 228 -5.15 5.36 -12.90
C ASP A 228 -6.01 4.33 -13.61
N LEU A 229 -5.41 3.15 -13.90
CA LEU A 229 -6.12 2.16 -14.70
C LEU A 229 -7.26 1.54 -13.90
N ALA A 230 -7.06 1.29 -12.61
CA ALA A 230 -8.15 0.74 -11.79
C ALA A 230 -9.31 1.72 -11.71
N ASP A 231 -9.02 3.01 -11.64
CA ASP A 231 -10.11 4.01 -11.57
C ASP A 231 -10.87 4.05 -12.89
N ILE A 232 -10.16 3.97 -14.04
CA ILE A 232 -10.86 3.92 -15.32
C ILE A 232 -11.81 2.73 -15.34
N LEU A 233 -11.29 1.55 -14.98
CA LEU A 233 -12.04 0.30 -15.12
C LEU A 233 -13.14 0.16 -14.07
N PHE A 234 -12.88 0.59 -12.84
CA PHE A 234 -13.76 0.23 -11.75
C PHE A 234 -14.42 1.41 -11.06
N GLY A 235 -14.06 2.64 -11.42
CA GLY A 235 -14.60 3.87 -10.87
C GLY A 235 -13.66 4.53 -9.88
N THR A 236 -13.60 5.86 -9.93
CA THR A 236 -12.79 6.58 -8.95
C THR A 236 -13.53 6.61 -7.62
N PRO A 237 -12.86 6.29 -6.50
CA PRO A 237 -13.58 6.24 -5.21
C PRO A 237 -14.15 7.60 -4.83
N ALA A 238 -15.28 7.53 -4.14
CA ALA A 238 -15.87 8.67 -3.46
C ALA A 238 -16.25 8.25 -2.05
N PRO A 239 -16.56 9.20 -1.17
CA PRO A 239 -16.78 8.84 0.23
C PRO A 239 -17.83 7.74 0.39
N VAL A 240 -17.51 6.81 1.29
CA VAL A 240 -18.31 5.64 1.53
C VAL A 240 -18.23 5.31 3.01
N VAL A 241 -19.25 4.64 3.53
CA VAL A 241 -19.33 4.27 4.93
C VAL A 241 -19.42 2.76 5.00
N THR A 242 -18.62 2.15 5.85
CA THR A 242 -18.66 0.69 6.00
C THR A 242 -18.09 0.36 7.39
N GLU A 243 -17.55 -0.85 7.57
CA GLU A 243 -17.07 -1.30 8.87
C GLU A 243 -15.78 -2.08 8.67
N SER A 244 -15.09 -2.36 9.78
CA SER A 244 -13.87 -3.16 9.73
C SER A 244 -13.74 -4.02 10.98
N ASN A 245 -12.89 -5.05 10.84
CA ASN A 245 -12.47 -6.03 11.84
C ASN A 245 -13.33 -7.29 11.75
N LEU A 246 -12.92 -8.33 12.49
CA LEU A 246 -13.46 -9.67 12.30
C LEU A 246 -14.96 -9.74 12.53
N GLY A 247 -15.51 -8.84 13.35
CA GLY A 247 -16.94 -8.82 13.55
C GLY A 247 -17.77 -8.54 12.31
N VAL A 248 -17.15 -8.14 11.21
CA VAL A 248 -17.90 -8.04 9.95
C VAL A 248 -18.19 -9.39 9.32
N LEU A 249 -17.56 -10.47 9.79
CA LEU A 249 -18.01 -11.81 9.44
C LEU A 249 -19.37 -12.11 10.08
N LYS A 250 -20.14 -12.96 9.38
CA LYS A 250 -21.51 -13.28 9.76
C LYS A 250 -21.71 -14.79 9.74
N ALA A 251 -22.00 -15.36 10.91
CA ALA A 251 -22.06 -16.82 11.01
C ALA A 251 -23.07 -17.42 10.04
N ASP A 252 -24.16 -16.70 9.75
CA ASP A 252 -25.23 -17.25 8.93
C ASP A 252 -25.13 -16.88 7.47
N ALA A 253 -24.02 -16.28 7.04
CA ALA A 253 -23.80 -15.97 5.65
C ALA A 253 -22.65 -16.82 5.13
N VAL A 254 -22.53 -16.88 3.82
CA VAL A 254 -21.32 -17.42 3.18
C VAL A 254 -20.28 -16.31 3.22
N ASN A 255 -19.24 -16.50 4.03
CA ASN A 255 -18.22 -15.47 4.19
C ASN A 255 -17.08 -15.74 3.21
N VAL A 256 -16.86 -14.79 2.30
CA VAL A 256 -15.86 -14.90 1.25
C VAL A 256 -14.90 -13.72 1.38
N ALA A 257 -13.63 -14.01 1.64
CA ALA A 257 -12.62 -12.97 1.71
C ALA A 257 -11.94 -12.83 0.36
N VAL A 258 -11.76 -11.61 -0.08
CA VAL A 258 -10.91 -11.30 -1.22
C VAL A 258 -9.61 -10.74 -0.68
N HIS A 259 -8.50 -11.33 -1.11
CA HIS A 259 -7.20 -11.12 -0.48
C HIS A 259 -6.12 -11.09 -1.56
N GLY A 260 -5.15 -10.20 -1.38
CA GLY A 260 -4.15 -9.93 -2.38
C GLY A 260 -4.14 -8.45 -2.72
N HIS A 261 -3.94 -8.16 -4.00
CA HIS A 261 -3.75 -6.78 -4.46
C HIS A 261 -4.54 -6.28 -5.63
N ASN A 262 -4.58 -7.08 -6.68
CA ASN A 262 -5.17 -6.66 -7.93
C ASN A 262 -6.65 -6.97 -7.91
N PRO A 263 -7.51 -5.97 -8.03
CA PRO A 263 -8.95 -6.22 -7.92
C PRO A 263 -9.60 -6.65 -9.23
N VAL A 264 -8.81 -6.95 -10.27
CA VAL A 264 -9.41 -7.27 -11.56
C VAL A 264 -10.39 -8.40 -11.40
N LEU A 265 -10.14 -9.35 -10.50
N LEU A 265 -10.07 -9.35 -10.50
CA LEU A 265 -11.17 -10.35 -10.29
CA LEU A 265 -10.94 -10.47 -10.16
C LEU A 265 -12.06 -10.07 -9.09
C LEU A 265 -11.98 -10.07 -9.11
N SER A 266 -11.53 -9.45 -8.04
CA SER A 266 -12.37 -9.29 -6.87
C SER A 266 -13.40 -8.21 -7.06
N ASP A 267 -13.19 -7.24 -7.96
CA ASP A 267 -14.29 -6.34 -8.28
C ASP A 267 -15.43 -7.10 -8.94
N ILE A 268 -15.11 -8.10 -9.76
CA ILE A 268 -16.12 -8.96 -10.35
C ILE A 268 -16.75 -9.87 -9.31
N ILE A 269 -15.94 -10.44 -8.41
CA ILE A 269 -16.50 -11.25 -7.33
C ILE A 269 -17.59 -10.47 -6.62
N VAL A 270 -17.36 -9.18 -6.39
CA VAL A 270 -18.32 -8.36 -5.65
C VAL A 270 -19.64 -8.30 -6.39
N SER A 271 -19.61 -7.93 -7.67
CA SER A 271 -20.87 -7.78 -8.42
C SER A 271 -21.59 -9.11 -8.60
N VAL A 272 -20.84 -10.18 -8.93
CA VAL A 272 -21.45 -11.50 -9.10
C VAL A 272 -22.03 -12.01 -7.79
N SER A 273 -21.33 -11.80 -6.67
CA SER A 273 -21.84 -12.29 -5.38
CA SER A 273 -21.84 -12.30 -5.40
C SER A 273 -23.26 -11.79 -5.13
N LYS A 274 -23.53 -10.54 -5.50
CA LYS A 274 -24.87 -10.00 -5.28
C LYS A 274 -25.93 -10.77 -6.05
N GLU A 275 -25.60 -11.23 -7.27
CA GLU A 275 -26.57 -11.89 -8.10
C GLU A 275 -26.76 -13.36 -7.74
N MET A 276 -25.86 -13.94 -6.95
CA MET A 276 -26.02 -15.31 -6.47
C MET A 276 -26.63 -15.39 -5.08
N GLU A 277 -27.25 -14.30 -4.62
CA GLU A 277 -27.85 -14.31 -3.28
C GLU A 277 -28.89 -15.43 -3.14
N ASN A 278 -29.71 -15.65 -4.16
CA ASN A 278 -30.76 -16.65 -4.03
C ASN A 278 -30.19 -18.06 -4.06
N GLU A 279 -29.13 -18.28 -4.84
CA GLU A 279 -28.43 -19.55 -4.80
C GLU A 279 -27.82 -19.79 -3.43
N ALA A 280 -27.33 -18.72 -2.78
CA ALA A 280 -26.79 -18.85 -1.43
C ALA A 280 -27.91 -19.14 -0.43
N ARG A 281 -29.07 -18.50 -0.60
CA ARG A 281 -30.17 -18.78 0.31
C ARG A 281 -30.69 -20.19 0.16
N ALA A 282 -30.67 -20.74 -1.06
CA ALA A 282 -31.10 -22.12 -1.28
C ALA A 282 -30.25 -23.12 -0.50
N ALA A 283 -28.99 -22.76 -0.23
CA ALA A 283 -28.09 -23.64 0.49
C ALA A 283 -28.09 -23.38 1.99
N GLY A 284 -28.94 -22.47 2.47
CA GLY A 284 -29.11 -22.25 3.89
C GLY A 284 -28.50 -20.98 4.44
N ALA A 285 -27.92 -20.13 3.60
CA ALA A 285 -27.29 -18.90 4.05
C ALA A 285 -28.24 -17.73 3.87
N THR A 286 -27.92 -16.62 4.54
CA THR A 286 -28.67 -15.37 4.30
C THR A 286 -28.30 -14.75 2.96
N GLY A 287 -27.07 -14.99 2.53
CA GLY A 287 -26.54 -14.38 1.33
C GLY A 287 -25.04 -14.60 1.32
N ILE A 288 -24.36 -13.95 0.39
CA ILE A 288 -22.91 -14.02 0.29
C ILE A 288 -22.32 -12.75 0.87
N ASN A 289 -21.48 -12.91 1.90
CA ASN A 289 -20.86 -11.80 2.62
C ASN A 289 -19.41 -11.67 2.18
N VAL A 290 -19.14 -10.78 1.22
CA VAL A 290 -17.78 -10.54 0.74
C VAL A 290 -17.11 -9.57 1.69
N VAL A 291 -15.91 -9.93 2.15
CA VAL A 291 -15.13 -9.09 3.05
C VAL A 291 -13.71 -8.98 2.48
N GLY A 292 -12.99 -7.97 2.91
CA GLY A 292 -11.68 -7.66 2.34
C GLY A 292 -10.56 -8.04 3.30
N ILE A 293 -9.46 -8.50 2.74
CA ILE A 293 -8.18 -8.58 3.44
C ILE A 293 -7.14 -7.88 2.60
N CYS A 294 -6.26 -7.11 3.23
CA CYS A 294 -5.09 -6.51 2.57
C CYS A 294 -5.62 -5.60 1.46
N CYS A 295 -4.86 -5.38 0.41
N CYS A 295 -4.81 -5.39 0.42
CA CYS A 295 -5.17 -4.24 -0.42
CA CYS A 295 -5.03 -4.31 -0.54
C CYS A 295 -6.22 -4.53 -1.49
C CYS A 295 -6.26 -4.56 -1.40
N THR A 296 -6.42 -5.77 -1.92
CA THR A 296 -7.61 -5.98 -2.73
CA THR A 296 -7.62 -6.09 -2.70
C THR A 296 -8.86 -5.73 -1.90
N GLY A 297 -8.81 -5.96 -0.58
CA GLY A 297 -9.90 -5.53 0.27
C GLY A 297 -10.04 -4.02 0.33
N ASN A 298 -8.90 -3.30 0.42
CA ASN A 298 -8.96 -1.85 0.35
C ASN A 298 -9.57 -1.38 -0.97
N GLU A 299 -9.26 -2.06 -2.08
CA GLU A 299 -9.79 -1.61 -3.35
C GLU A 299 -11.31 -1.68 -3.37
N VAL A 300 -11.88 -2.77 -2.87
CA VAL A 300 -13.33 -2.90 -2.92
C VAL A 300 -13.99 -2.19 -1.77
N LEU A 301 -13.27 -1.93 -0.68
CA LEU A 301 -13.77 -1.02 0.34
C LEU A 301 -13.92 0.38 -0.22
N MET A 302 -12.90 0.85 -0.95
CA MET A 302 -12.93 2.22 -1.46
C MET A 302 -14.01 2.40 -2.50
N ARG A 303 -14.22 1.41 -3.37
CA ARG A 303 -15.15 1.60 -4.47
C ARG A 303 -16.57 1.16 -4.13
N HIS A 304 -16.75 0.20 -3.23
CA HIS A 304 -18.05 -0.42 -3.02
C HIS A 304 -18.46 -0.50 -1.57
N GLY A 305 -17.62 -0.08 -0.65
CA GLY A 305 -18.01 -0.16 0.75
C GLY A 305 -18.00 -1.56 1.30
N ILE A 306 -17.28 -2.47 0.65
CA ILE A 306 -17.11 -3.83 1.19
C ILE A 306 -16.37 -3.75 2.51
N PRO A 307 -16.86 -4.37 3.57
CA PRO A 307 -16.19 -4.26 4.87
C PRO A 307 -14.87 -5.00 4.89
N ALA A 308 -13.94 -4.43 5.64
CA ALA A 308 -12.59 -4.96 5.79
C ALA A 308 -12.55 -5.90 6.99
N CYS A 309 -12.11 -7.11 6.74
CA CYS A 309 -12.07 -8.15 7.75
C CYS A 309 -10.82 -8.02 8.61
N THR A 310 -9.65 -7.99 7.97
CA THR A 310 -8.40 -7.81 8.67
C THR A 310 -7.32 -7.50 7.64
N HIS A 311 -6.08 -7.35 8.13
CA HIS A 311 -4.94 -6.94 7.33
C HIS A 311 -3.67 -7.68 7.70
N SER A 312 -2.79 -7.79 6.71
CA SER A 312 -1.37 -8.03 6.89
C SER A 312 -1.08 -9.14 7.88
N VAL A 313 -0.44 -8.80 8.99
CA VAL A 313 0.14 -9.82 9.85
C VAL A 313 -0.93 -10.72 10.48
N SER A 314 -2.16 -10.23 10.65
CA SER A 314 -3.21 -10.98 11.34
C SER A 314 -4.16 -11.71 10.40
N GLN A 315 -3.79 -11.86 9.13
CA GLN A 315 -4.70 -12.44 8.15
C GLN A 315 -5.15 -13.86 8.49
N GLU A 316 -4.28 -14.65 9.12
CA GLU A 316 -4.66 -16.02 9.48
C GLU A 316 -5.85 -16.03 10.42
N MET A 317 -6.01 -14.97 11.21
CA MET A 317 -7.02 -14.95 12.27
C MET A 317 -8.44 -14.98 11.72
N ALA A 318 -8.65 -14.44 10.52
CA ALA A 318 -9.97 -14.55 9.90
C ALA A 318 -10.38 -16.02 9.74
N MET A 319 -9.42 -16.89 9.39
CA MET A 319 -9.71 -18.31 9.24
C MET A 319 -10.00 -18.98 10.58
N ILE A 320 -9.33 -18.54 11.64
CA ILE A 320 -9.46 -19.18 12.94
C ILE A 320 -10.88 -19.05 13.50
N THR A 321 -11.69 -18.08 13.03
CA THR A 321 -13.06 -17.95 13.50
C THR A 321 -13.86 -19.20 13.19
N GLY A 322 -13.49 -19.93 12.15
CA GLY A 322 -14.26 -21.06 11.69
C GLY A 322 -15.35 -20.72 10.70
N ALA A 323 -15.59 -19.44 10.44
CA ALA A 323 -16.68 -18.99 9.63
C ALA A 323 -16.23 -18.51 8.25
N LEU A 324 -14.95 -18.61 7.92
CA LEU A 324 -14.48 -18.07 6.65
C LEU A 324 -14.57 -19.20 5.62
N ASP A 325 -15.55 -19.10 4.73
CA ASP A 325 -15.85 -20.22 3.85
C ASP A 325 -14.92 -20.27 2.66
N ALA A 326 -14.47 -19.11 2.19
CA ALA A 326 -13.50 -19.10 1.11
C ALA A 326 -12.60 -17.88 1.24
N MET A 327 -11.38 -18.04 0.74
CA MET A 327 -10.38 -16.99 0.69
C MET A 327 -9.88 -16.97 -0.75
N ILE A 328 -10.20 -15.91 -1.48
CA ILE A 328 -9.94 -15.84 -2.92
C ILE A 328 -8.70 -14.97 -3.10
N LEU A 329 -7.63 -15.56 -3.63
CA LEU A 329 -6.29 -14.96 -3.67
C LEU A 329 -5.89 -14.56 -5.08
N ASP A 330 -5.22 -13.41 -5.22
CA ASP A 330 -4.50 -13.11 -6.46
CA ASP A 330 -4.50 -13.09 -6.44
C ASP A 330 -3.03 -13.15 -6.07
N TYR A 331 -2.40 -12.03 -5.75
CA TYR A 331 -0.98 -12.11 -5.42
C TYR A 331 -0.56 -11.01 -4.45
N GLN A 332 0.56 -11.26 -3.78
CA GLN A 332 1.29 -10.33 -2.93
C GLN A 332 0.71 -10.30 -1.54
N CYS A 333 1.58 -10.52 -0.53
CA CYS A 333 1.29 -10.32 0.88
C CYS A 333 0.38 -11.38 1.48
N ILE A 334 0.23 -12.50 0.80
CA ILE A 334 -0.56 -13.62 1.27
C ILE A 334 0.37 -14.58 1.99
N GLN A 335 0.20 -14.74 3.28
CA GLN A 335 1.01 -15.70 4.01
C GLN A 335 0.74 -17.10 3.49
N PRO A 336 1.75 -17.83 2.99
CA PRO A 336 1.42 -19.15 2.43
C PRO A 336 0.92 -20.13 3.45
N SER A 337 1.11 -19.85 4.74
CA SER A 337 0.48 -20.64 5.78
C SER A 337 -1.04 -20.80 5.60
N VAL A 338 -1.72 -19.84 4.96
CA VAL A 338 -3.16 -20.00 4.86
C VAL A 338 -3.53 -21.32 4.19
N ALA A 339 -2.69 -21.84 3.30
CA ALA A 339 -3.07 -23.08 2.62
C ALA A 339 -3.04 -24.29 3.56
N THR A 340 -2.17 -24.30 4.57
CA THR A 340 -2.15 -25.38 5.54
CA THR A 340 -2.17 -25.40 5.52
C THR A 340 -3.18 -25.15 6.64
N ILE A 341 -3.34 -23.90 7.06
CA ILE A 341 -4.32 -23.60 8.09
C ILE A 341 -5.71 -23.99 7.62
N ALA A 342 -5.95 -23.91 6.31
CA ALA A 342 -7.28 -24.20 5.78
C ALA A 342 -7.69 -25.63 6.04
N GLU A 343 -6.72 -26.55 6.05
CA GLU A 343 -7.03 -27.93 6.42
C GLU A 343 -7.69 -28.01 7.80
N CYS A 344 -7.24 -27.16 8.74
CA CYS A 344 -7.77 -27.19 10.10
C CYS A 344 -9.07 -26.43 10.25
N THR A 345 -9.24 -25.35 9.49
CA THR A 345 -10.36 -24.44 9.70
C THR A 345 -11.55 -24.70 8.77
N GLY A 346 -11.38 -25.50 7.73
CA GLY A 346 -12.45 -25.74 6.79
C GLY A 346 -12.49 -24.78 5.62
N THR A 347 -11.72 -23.72 5.66
CA THR A 347 -11.76 -22.68 4.64
C THR A 347 -11.26 -23.21 3.30
N THR A 348 -11.93 -22.81 2.23
CA THR A 348 -11.48 -23.11 0.88
C THR A 348 -10.59 -21.95 0.40
N VAL A 349 -9.30 -22.23 0.27
CA VAL A 349 -8.34 -21.24 -0.23
C VAL A 349 -8.18 -21.48 -1.72
N ILE A 350 -8.35 -20.42 -2.51
CA ILE A 350 -8.37 -20.50 -3.97
C ILE A 350 -7.37 -19.52 -4.55
N THR A 351 -6.42 -20.02 -5.32
CA THR A 351 -5.55 -19.14 -6.08
C THR A 351 -6.13 -18.93 -7.47
N THR A 352 -5.77 -17.80 -8.10
CA THR A 352 -6.37 -17.42 -9.38
C THR A 352 -5.39 -16.93 -10.42
N MET A 353 -4.14 -16.63 -10.08
CA MET A 353 -3.16 -16.07 -10.98
C MET A 353 -2.08 -17.10 -11.28
N GLU A 354 -1.69 -17.19 -12.54
CA GLU A 354 -0.77 -18.23 -13.00
C GLU A 354 0.55 -18.18 -12.23
N MET A 355 1.04 -16.98 -11.94
CA MET A 355 2.35 -16.86 -11.32
CA MET A 355 2.35 -16.82 -11.33
C MET A 355 2.28 -16.73 -9.81
N SER A 356 1.13 -17.07 -9.21
CA SER A 356 1.07 -17.04 -7.73
C SER A 356 0.19 -18.20 -7.26
N LYS A 357 0.81 -19.37 -7.10
CA LYS A 357 0.16 -20.57 -6.64
C LYS A 357 0.72 -20.97 -5.27
N ILE A 358 -0.06 -21.72 -4.51
CA ILE A 358 0.33 -22.15 -3.17
C ILE A 358 0.02 -23.63 -3.06
N THR A 359 1.04 -24.42 -2.75
CA THR A 359 0.82 -25.86 -2.68
C THR A 359 -0.29 -26.18 -1.68
N GLY A 360 -1.25 -26.95 -2.13
CA GLY A 360 -2.35 -27.37 -1.28
C GLY A 360 -3.60 -26.54 -1.42
N ALA A 361 -3.53 -25.43 -2.13
CA ALA A 361 -4.68 -24.59 -2.42
C ALA A 361 -5.28 -25.03 -3.73
N THR A 362 -6.58 -24.82 -3.89
CA THR A 362 -7.23 -25.08 -5.16
C THR A 362 -6.95 -23.91 -6.11
N HIS A 363 -6.59 -24.22 -7.36
CA HIS A 363 -6.33 -23.19 -8.36
C HIS A 363 -7.47 -23.09 -9.37
N VAL A 364 -7.96 -21.87 -9.58
CA VAL A 364 -8.91 -21.55 -10.66
C VAL A 364 -8.25 -20.55 -11.60
N ASN A 365 -8.10 -20.94 -12.86
CA ASN A 365 -7.34 -20.15 -13.84
C ASN A 365 -8.19 -19.00 -14.38
N PHE A 366 -8.25 -17.92 -13.57
CA PHE A 366 -9.01 -16.74 -13.95
C PHE A 366 -8.56 -16.17 -15.29
N ALA A 367 -9.53 -15.83 -16.14
CA ALA A 367 -9.24 -15.15 -17.38
C ALA A 367 -10.27 -14.04 -17.51
N GLU A 368 -9.83 -12.83 -17.86
CA GLU A 368 -10.78 -11.73 -18.03
C GLU A 368 -11.90 -12.13 -18.97
N GLU A 369 -11.55 -12.86 -20.04
CA GLU A 369 -12.50 -13.37 -21.02
C GLU A 369 -13.63 -14.16 -20.38
N ALA A 370 -13.40 -14.70 -19.17
CA ALA A 370 -14.32 -15.64 -18.53
C ALA A 370 -14.63 -15.21 -17.11
N ALA A 371 -14.51 -13.93 -16.81
CA ALA A 371 -14.53 -13.49 -15.40
C ALA A 371 -15.81 -13.89 -14.69
N VAL A 372 -16.96 -13.69 -15.33
CA VAL A 372 -18.20 -13.98 -14.62
C VAL A 372 -18.29 -15.46 -14.31
N GLU A 373 -17.96 -16.31 -15.28
CA GLU A 373 -18.04 -17.75 -15.08
CA GLU A 373 -18.09 -17.74 -15.02
C GLU A 373 -17.04 -18.22 -14.02
N ASN A 374 -15.85 -17.61 -14.01
CA ASN A 374 -14.87 -17.96 -12.98
C ASN A 374 -15.39 -17.58 -11.60
N ALA A 375 -15.94 -16.38 -11.48
CA ALA A 375 -16.51 -15.94 -10.22
C ALA A 375 -17.56 -16.93 -9.73
N LYS A 376 -18.47 -17.34 -10.61
CA LYS A 376 -19.52 -18.26 -10.18
C LYS A 376 -18.93 -19.60 -9.73
N GLN A 377 -17.96 -20.12 -10.46
CA GLN A 377 -17.29 -21.34 -10.02
C GLN A 377 -16.72 -21.17 -8.61
N ILE A 378 -16.09 -20.02 -8.35
CA ILE A 378 -15.40 -19.81 -7.08
C ILE A 378 -16.41 -19.67 -5.94
N LEU A 379 -17.44 -18.85 -6.16
CA LEU A 379 -18.46 -18.66 -5.13
C LEU A 379 -19.25 -19.93 -4.87
N ARG A 380 -19.37 -20.80 -5.87
CA ARG A 380 -20.06 -22.06 -5.63
C ARG A 380 -19.24 -23.01 -4.77
N LEU A 381 -17.90 -22.96 -4.89
CA LEU A 381 -17.09 -23.66 -3.90
C LEU A 381 -17.30 -23.07 -2.51
N ALA A 382 -17.45 -21.74 -2.43
CA ALA A 382 -17.68 -21.11 -1.13
C ALA A 382 -19.01 -21.54 -0.54
N ILE A 383 -20.03 -21.68 -1.39
CA ILE A 383 -21.34 -22.11 -0.92
C ILE A 383 -21.27 -23.54 -0.43
N ASP A 384 -20.61 -24.42 -1.18
CA ASP A 384 -20.45 -25.79 -0.75
C ASP A 384 -19.77 -25.86 0.61
N THR A 385 -18.77 -25.00 0.83
CA THR A 385 -18.06 -24.99 2.11
C THR A 385 -18.95 -24.49 3.24
N PHE A 386 -19.76 -23.45 2.99
CA PHE A 386 -20.73 -23.02 3.98
C PHE A 386 -21.63 -24.17 4.41
N LYS A 387 -22.03 -25.01 3.44
CA LYS A 387 -22.92 -26.12 3.78
C LYS A 387 -22.21 -27.16 4.63
N ARG A 388 -20.92 -27.36 4.39
CA ARG A 388 -20.18 -28.35 5.15
C ARG A 388 -20.05 -27.96 6.62
N ARG A 389 -20.24 -26.69 6.97
CA ARG A 389 -20.14 -26.26 8.36
C ARG A 389 -21.51 -26.02 8.99
N LYS A 390 -22.58 -26.50 8.36
CA LYS A 390 -23.87 -26.58 9.04
C LYS A 390 -23.68 -27.27 10.38
N GLY A 391 -24.14 -26.61 11.44
CA GLY A 391 -24.09 -27.18 12.77
C GLY A 391 -22.76 -27.09 13.50
N LYS A 392 -21.73 -26.53 12.87
CA LYS A 392 -20.46 -26.34 13.59
C LYS A 392 -20.47 -24.99 14.31
N PRO A 393 -19.99 -24.92 15.55
CA PRO A 393 -19.93 -23.60 16.21
C PRO A 393 -18.80 -22.80 15.60
N VAL A 394 -19.01 -21.49 15.49
CA VAL A 394 -17.96 -20.57 15.09
C VAL A 394 -17.74 -19.56 16.21
N GLU A 395 -16.58 -18.91 16.17
CA GLU A 395 -16.23 -17.91 17.17
C GLU A 395 -15.79 -16.68 16.40
N ILE A 396 -16.75 -15.85 16.03
CA ILE A 396 -16.48 -14.55 15.42
C ILE A 396 -16.45 -13.53 16.56
N PRO A 397 -15.31 -12.90 16.84
CA PRO A 397 -15.31 -11.84 17.84
C PRO A 397 -16.30 -10.76 17.43
N ASN A 398 -17.09 -10.28 18.40
CA ASN A 398 -18.13 -9.31 18.10
C ASN A 398 -17.54 -7.91 18.22
N ILE A 399 -16.56 -7.67 17.36
CA ILE A 399 -15.70 -6.51 17.46
C ILE A 399 -15.59 -5.91 16.08
N LYS A 400 -16.08 -4.68 15.91
CA LYS A 400 -15.91 -3.99 14.66
C LYS A 400 -15.95 -2.49 14.88
N THR A 401 -15.42 -1.76 13.92
CA THR A 401 -15.46 -0.31 13.95
C THR A 401 -16.19 0.21 12.73
N LYS A 402 -16.75 1.40 12.87
CA LYS A 402 -17.29 2.16 11.75
C LYS A 402 -16.16 2.84 10.97
N VAL A 403 -16.24 2.77 9.64
CA VAL A 403 -15.20 3.29 8.76
C VAL A 403 -15.82 4.20 7.71
N VAL A 404 -15.39 5.45 7.68
CA VAL A 404 -15.64 6.35 6.56
C VAL A 404 -14.36 6.38 5.72
N ALA A 405 -14.49 6.09 4.43
CA ALA A 405 -13.34 5.96 3.54
C ALA A 405 -13.72 6.51 2.16
N GLY A 406 -12.95 6.17 1.12
CA GLY A 406 -13.21 6.63 -0.23
C GLY A 406 -12.60 7.98 -0.60
N PHE A 407 -11.55 8.40 0.09
CA PHE A 407 -11.01 9.75 -0.12
C PHE A 407 -9.89 9.70 -1.16
N SER A 408 -10.32 9.45 -2.40
CA SER A 408 -9.46 9.69 -3.54
C SER A 408 -9.10 11.16 -3.56
N THR A 409 -8.09 11.50 -4.32
CA THR A 409 -7.69 12.89 -4.42
C THR A 409 -8.80 13.72 -5.07
N GLU A 410 -9.49 13.15 -6.07
CA GLU A 410 -10.63 13.82 -6.67
C GLU A 410 -11.70 14.09 -5.63
N ALA A 411 -11.93 13.14 -4.72
CA ALA A 411 -12.94 13.31 -3.69
C ALA A 411 -12.52 14.37 -2.69
N ILE A 412 -11.24 14.42 -2.33
CA ILE A 412 -10.76 15.43 -1.40
C ILE A 412 -10.91 16.81 -2.00
N ILE A 413 -10.51 16.95 -3.26
CA ILE A 413 -10.69 18.22 -3.96
C ILE A 413 -12.16 18.61 -4.02
N ASN A 414 -13.03 17.66 -4.33
CA ASN A 414 -14.45 17.98 -4.36
C ASN A 414 -14.96 18.43 -3.00
N ALA A 415 -14.53 17.74 -1.94
CA ALA A 415 -14.94 18.15 -0.59
C ALA A 415 -14.48 19.56 -0.27
N LEU A 416 -13.22 19.89 -0.58
CA LEU A 416 -12.72 21.23 -0.34
C LEU A 416 -13.44 22.26 -1.20
N SER A 417 -13.85 21.85 -2.39
CA SER A 417 -14.48 22.80 -3.31
C SER A 417 -15.79 23.35 -2.75
N LYS A 418 -16.39 22.66 -1.78
CA LYS A 418 -17.59 23.20 -1.15
C LYS A 418 -17.29 24.40 -0.27
N LEU A 419 -16.02 24.60 0.10
CA LEU A 419 -15.61 25.84 0.76
C LEU A 419 -15.07 26.88 -0.22
N ASN A 420 -14.67 26.48 -1.42
CA ASN A 420 -14.15 27.45 -2.39
C ASN A 420 -14.21 26.78 -3.75
N ALA A 421 -15.26 27.07 -4.49
CA ALA A 421 -15.59 26.27 -5.67
C ALA A 421 -14.53 26.37 -6.75
N ASN A 422 -13.95 27.56 -6.96
CA ASN A 422 -13.04 27.80 -8.07
C ASN A 422 -11.57 27.77 -7.68
N ASP A 423 -11.28 27.60 -6.40
CA ASP A 423 -9.90 27.45 -5.91
C ASP A 423 -9.93 26.45 -4.76
N PRO A 424 -10.20 25.18 -5.08
CA PRO A 424 -10.49 24.22 -3.99
C PRO A 424 -9.31 23.91 -3.07
N LEU A 425 -8.07 24.03 -3.54
CA LEU A 425 -6.98 23.79 -2.62
C LEU A 425 -6.76 24.95 -1.67
N LYS A 426 -7.28 26.13 -1.98
CA LYS A 426 -6.97 27.28 -1.13
C LYS A 426 -7.49 27.12 0.30
N PRO A 427 -8.68 26.58 0.56
CA PRO A 427 -9.09 26.41 1.96
C PRO A 427 -8.12 25.53 2.75
N LEU A 428 -7.57 24.49 2.12
CA LEU A 428 -6.57 23.68 2.81
C LEU A 428 -5.32 24.50 3.10
N ILE A 429 -4.80 25.19 2.08
CA ILE A 429 -3.59 26.00 2.27
C ILE A 429 -3.84 27.11 3.28
N ASP A 430 -5.02 27.74 3.23
CA ASP A 430 -5.34 28.77 4.23
C ASP A 430 -5.12 28.26 5.64
N ASN A 431 -5.57 27.02 5.90
CA ASN A 431 -5.52 26.46 7.24
C ASN A 431 -4.16 25.90 7.61
N VAL A 432 -3.35 25.52 6.61
CA VAL A 432 -1.93 25.30 6.88
C VAL A 432 -1.27 26.61 7.29
N VAL A 433 -1.58 27.70 6.59
CA VAL A 433 -0.93 28.97 6.86
C VAL A 433 -1.28 29.49 8.26
N ASN A 434 -2.54 29.36 8.66
CA ASN A 434 -2.97 29.89 9.97
C ASN A 434 -2.79 28.89 11.10
N GLY A 435 -2.21 27.73 10.81
CA GLY A 435 -1.87 26.79 11.86
C GLY A 435 -2.97 25.83 12.27
N ASN A 436 -4.18 25.97 11.72
CA ASN A 436 -5.19 24.97 12.01
C ASN A 436 -4.80 23.61 11.49
N ILE A 437 -4.02 23.55 10.41
CA ILE A 437 -3.41 22.33 9.91
C ILE A 437 -1.90 22.52 10.02
N ARG A 438 -1.25 21.71 10.84
CA ARG A 438 0.18 21.89 11.01
C ARG A 438 0.92 21.38 9.79
N GLY A 439 0.48 20.25 9.27
CA GLY A 439 1.08 19.64 8.10
C GLY A 439 0.26 18.45 7.69
N VAL A 440 0.85 17.63 6.83
CA VAL A 440 0.22 16.40 6.36
C VAL A 440 1.16 15.24 6.63
N CYS A 441 0.61 14.13 7.12
CA CYS A 441 1.36 12.89 7.28
C CYS A 441 0.62 11.76 6.59
N LEU A 442 1.34 11.04 5.72
CA LEU A 442 0.84 9.84 5.08
C LEU A 442 1.38 8.62 5.83
N PHE A 443 0.49 7.80 6.37
CA PHE A 443 0.86 6.50 6.91
C PHE A 443 0.66 5.47 5.80
N ALA A 444 1.67 4.64 5.60
CA ALA A 444 1.72 3.69 4.50
C ALA A 444 2.33 2.38 4.98
N GLY A 445 2.10 1.36 4.18
CA GLY A 445 2.80 0.12 4.39
C GLY A 445 2.10 -0.85 5.31
N CYS A 446 2.90 -1.83 5.72
CA CYS A 446 2.47 -3.11 6.28
C CYS A 446 2.36 -3.06 7.81
N ASN A 447 1.91 -4.17 8.39
CA ASN A 447 2.28 -4.58 9.73
C ASN A 447 3.49 -5.50 9.62
N ASN A 448 4.19 -5.69 10.74
CA ASN A 448 5.39 -6.52 10.79
C ASN A 448 5.38 -7.26 12.12
N VAL A 449 5.57 -8.59 12.07
CA VAL A 449 5.51 -9.42 13.28
C VAL A 449 6.48 -8.95 14.37
N LYS A 450 7.54 -8.20 14.00
CA LYS A 450 8.46 -7.69 15.00
C LYS A 450 7.85 -6.61 15.89
N VAL A 451 6.76 -5.97 15.45
CA VAL A 451 6.17 -4.84 16.15
C VAL A 451 4.78 -5.28 16.62
N PRO A 452 4.42 -5.11 17.89
CA PRO A 452 3.05 -5.40 18.28
C PRO A 452 2.07 -4.75 17.32
N GLN A 453 1.19 -5.55 16.76
CA GLN A 453 0.43 -5.13 15.60
C GLN A 453 -0.31 -3.84 15.87
N ASP A 454 -0.05 -2.85 15.03
CA ASP A 454 -0.70 -1.56 14.95
C ASP A 454 -0.14 -0.56 15.96
N GLN A 455 0.72 -0.99 16.88
CA GLN A 455 1.15 -0.11 17.97
C GLN A 455 1.86 1.13 17.46
N ASN A 456 2.69 1.02 16.42
CA ASN A 456 3.37 2.22 15.95
C ASN A 456 2.41 3.13 15.20
N PHE A 457 1.59 2.58 14.31
CA PHE A 457 0.64 3.44 13.60
C PHE A 457 -0.20 4.24 14.59
N THR A 458 -0.76 3.57 15.62
CA THR A 458 -1.71 4.29 16.44
C THR A 458 -1.02 5.24 17.39
N THR A 459 0.13 4.85 17.92
CA THR A 459 0.87 5.75 18.80
C THR A 459 1.27 7.03 18.06
N ILE A 460 1.83 6.88 16.85
CA ILE A 460 2.29 8.05 16.13
C ILE A 460 1.11 8.89 15.70
N ALA A 461 0.07 8.24 15.17
CA ALA A 461 -1.08 8.99 14.68
C ALA A 461 -1.71 9.80 15.81
N ARG A 462 -1.81 9.21 17.00
CA ARG A 462 -2.46 9.94 18.10
C ARG A 462 -1.72 11.24 18.41
N LYS A 463 -0.40 11.20 18.46
CA LYS A 463 0.40 12.38 18.76
C LYS A 463 0.27 13.43 17.68
N LEU A 464 0.35 13.02 16.40
CA LEU A 464 0.23 13.98 15.31
C LEU A 464 -1.15 14.62 15.26
N LEU A 465 -2.21 13.82 15.47
CA LEU A 465 -3.56 14.38 15.38
C LEU A 465 -3.78 15.43 16.44
N LYS A 466 -3.23 15.21 17.64
CA LYS A 466 -3.36 16.21 18.70
C LYS A 466 -2.58 17.47 18.39
N GLN A 467 -1.60 17.39 17.51
CA GLN A 467 -0.82 18.52 17.06
C GLN A 467 -1.32 19.09 15.73
N ASN A 468 -2.56 18.77 15.36
CA ASN A 468 -3.30 19.35 14.23
C ASN A 468 -2.73 18.92 12.88
N VAL A 469 -2.09 17.77 12.83
CA VAL A 469 -1.61 17.26 11.55
C VAL A 469 -2.78 16.60 10.83
N LEU A 470 -2.96 16.92 9.55
CA LEU A 470 -3.88 16.19 8.70
C LEU A 470 -3.27 14.85 8.32
N VAL A 471 -3.92 13.77 8.72
CA VAL A 471 -3.38 12.41 8.55
C VAL A 471 -4.16 11.73 7.45
N VAL A 472 -3.42 11.19 6.47
CA VAL A 472 -4.00 10.35 5.42
C VAL A 472 -3.29 9.00 5.50
N ALA A 473 -3.93 7.97 4.95
CA ALA A 473 -3.43 6.63 5.13
C ALA A 473 -3.82 5.72 3.96
N THR A 474 -2.97 4.73 3.71
CA THR A 474 -3.18 3.76 2.66
C THR A 474 -2.76 2.39 3.17
N GLY A 475 -3.17 1.37 2.45
CA GLY A 475 -2.66 0.04 2.68
C GLY A 475 -3.02 -0.46 4.06
N CYS A 476 -2.09 -1.20 4.66
CA CYS A 476 -2.31 -1.75 5.98
C CYS A 476 -2.06 -0.71 7.06
N GLY A 477 -1.54 0.46 6.68
CA GLY A 477 -1.58 1.59 7.60
C GLY A 477 -2.99 2.09 7.79
N ALA A 478 -3.71 2.25 6.68
CA ALA A 478 -5.12 2.53 6.77
C ALA A 478 -5.86 1.42 7.49
N GLY A 479 -5.49 0.16 7.23
CA GLY A 479 -6.10 -0.96 7.94
C GLY A 479 -5.95 -0.86 9.44
N ALA A 480 -4.73 -0.57 9.90
CA ALA A 480 -4.47 -0.42 11.32
C ALA A 480 -5.32 0.70 11.90
N LEU A 481 -5.35 1.84 11.21
CA LEU A 481 -6.07 2.98 11.73
C LEU A 481 -7.58 2.74 11.69
N MET A 482 -8.11 2.10 10.64
CA MET A 482 -9.54 1.88 10.63
CA MET A 482 -9.53 1.77 10.56
C MET A 482 -9.97 0.93 11.74
N ARG A 483 -9.16 -0.10 12.03
CA ARG A 483 -9.57 -1.09 13.02
C ARG A 483 -9.51 -0.56 14.43
N HIS A 484 -8.87 0.58 14.63
CA HIS A 484 -8.79 1.21 15.94
C HIS A 484 -9.60 2.49 16.02
N GLY A 485 -10.47 2.73 15.05
CA GLY A 485 -11.46 3.76 15.15
C GLY A 485 -11.09 5.09 14.56
N PHE A 486 -9.96 5.15 13.84
CA PHE A 486 -9.47 6.44 13.37
C PHE A 486 -10.17 6.92 12.11
N MET A 487 -11.04 6.11 11.52
CA MET A 487 -11.86 6.49 10.37
CA MET A 487 -11.85 6.57 10.40
C MET A 487 -13.33 6.68 10.76
N ASP A 488 -13.62 6.85 12.06
CA ASP A 488 -14.97 7.06 12.52
C ASP A 488 -15.09 8.50 12.98
N PRO A 489 -15.93 9.32 12.32
CA PRO A 489 -16.03 10.73 12.71
C PRO A 489 -16.48 10.94 14.14
N ALA A 490 -17.11 9.95 14.77
CA ALA A 490 -17.49 10.10 16.18
C ALA A 490 -16.28 10.26 17.08
N ASN A 491 -15.07 9.95 16.59
CA ASN A 491 -13.87 10.02 17.42
C ASN A 491 -13.03 11.28 17.18
N VAL A 492 -13.56 12.24 16.42
CA VAL A 492 -12.84 13.48 16.16
C VAL A 492 -12.58 14.26 17.44
N ASP A 493 -13.60 14.38 18.30
CA ASP A 493 -13.45 15.15 19.54
C ASP A 493 -12.32 14.60 20.38
N GLU A 494 -12.26 13.27 20.52
CA GLU A 494 -11.24 12.63 21.35
C GLU A 494 -9.87 12.75 20.74
N LEU A 495 -9.76 12.58 19.43
CA LEU A 495 -8.46 12.37 18.82
C LEU A 495 -7.79 13.64 18.32
N CYS A 496 -8.54 14.63 17.89
CA CYS A 496 -7.99 15.73 17.09
C CYS A 496 -7.77 16.99 17.93
N GLY A 497 -6.68 17.69 17.62
CA GLY A 497 -6.51 19.03 18.14
C GLY A 497 -7.61 19.96 17.68
N ASP A 498 -7.74 21.09 18.36
CA ASP A 498 -8.87 21.96 18.09
C ASP A 498 -8.83 22.52 16.67
N GLY A 499 -7.64 22.84 16.15
CA GLY A 499 -7.56 23.42 14.81
C GLY A 499 -7.95 22.42 13.75
N LEU A 500 -7.42 21.19 13.85
CA LEU A 500 -7.78 20.12 12.93
C LEU A 500 -9.27 19.81 13.02
N LYS A 501 -9.80 19.72 14.24
CA LYS A 501 -11.24 19.52 14.41
C LYS A 501 -12.03 20.60 13.70
N ALA A 502 -11.61 21.85 13.84
CA ALA A 502 -12.34 22.95 13.21
C ALA A 502 -12.40 22.75 11.69
N VAL A 503 -11.28 22.31 11.10
CA VAL A 503 -11.20 22.13 9.65
C VAL A 503 -12.00 20.93 9.20
N LEU A 504 -11.83 19.80 9.89
CA LEU A 504 -12.61 18.62 9.56
C LEU A 504 -14.09 18.91 9.63
N THR A 505 -14.50 19.70 10.64
CA THR A 505 -15.91 20.02 10.83
C THR A 505 -16.40 20.96 9.74
N ALA A 506 -15.62 21.99 9.44
CA ALA A 506 -16.00 22.95 8.40
C ALA A 506 -16.19 22.26 7.06
N ILE A 507 -15.26 21.36 6.70
CA ILE A 507 -15.41 20.63 5.45
C ILE A 507 -16.60 19.69 5.51
N GLY A 508 -16.72 18.93 6.60
CA GLY A 508 -17.85 18.02 6.72
C GLY A 508 -19.19 18.74 6.63
N GLU A 509 -19.35 19.82 7.38
CA GLU A 509 -20.64 20.50 7.38
C GLU A 509 -20.95 21.11 6.02
N ALA A 510 -19.93 21.51 5.26
CA ALA A 510 -20.14 21.99 3.91
C ALA A 510 -20.47 20.88 2.93
N ASN A 511 -20.24 19.62 3.31
CA ASN A 511 -20.60 18.50 2.46
C ASN A 511 -21.87 17.78 2.94
N GLY A 512 -22.72 18.48 3.69
CA GLY A 512 -24.02 17.96 4.09
C GLY A 512 -24.02 16.99 5.24
N LEU A 513 -22.86 16.75 5.88
CA LEU A 513 -22.73 15.64 6.82
C LEU A 513 -23.29 15.95 8.19
N GLY A 514 -23.42 17.22 8.55
CA GLY A 514 -23.81 17.60 9.91
C GLY A 514 -22.77 17.15 10.93
N GLY A 515 -21.65 16.65 10.42
CA GLY A 515 -20.58 16.18 11.24
C GLY A 515 -19.28 16.33 10.48
N PRO A 516 -18.17 16.14 11.18
CA PRO A 516 -16.86 16.30 10.54
C PRO A 516 -16.53 15.16 9.58
N LEU A 517 -15.49 15.42 8.79
CA LEU A 517 -14.77 14.33 8.18
C LEU A 517 -14.19 13.44 9.27
N PRO A 518 -13.78 12.22 8.94
CA PRO A 518 -13.16 11.37 9.96
C PRO A 518 -11.77 11.86 10.35
N PRO A 519 -11.23 11.36 11.46
CA PRO A 519 -9.91 11.83 11.91
C PRO A 519 -8.80 11.59 10.92
N VAL A 520 -8.88 10.50 10.18
CA VAL A 520 -7.87 10.08 9.20
C VAL A 520 -8.58 9.84 7.89
N LEU A 521 -7.97 10.29 6.80
CA LEU A 521 -8.52 10.13 5.47
C LEU A 521 -7.93 8.90 4.79
N HIS A 522 -8.79 7.93 4.47
CA HIS A 522 -8.40 6.72 3.78
C HIS A 522 -8.29 6.97 2.28
N MET A 523 -7.06 6.97 1.77
CA MET A 523 -6.80 7.22 0.37
C MET A 523 -6.59 5.96 -0.45
N GLY A 524 -6.71 4.78 0.15
CA GLY A 524 -6.92 3.54 -0.59
C GLY A 524 -5.81 2.51 -0.37
N SER A 525 -5.51 1.77 -1.43
CA SER A 525 -4.58 0.66 -1.41
C SER A 525 -3.16 1.17 -1.49
N CYS A 526 -2.20 0.24 -1.52
CA CYS A 526 -0.80 0.63 -1.58
CA CYS A 526 -0.79 0.60 -1.60
C CYS A 526 -0.44 1.33 -2.90
N VAL A 527 -0.96 0.85 -4.04
CA VAL A 527 -0.68 1.61 -5.26
C VAL A 527 -1.28 3.01 -5.14
N ASP A 528 -2.37 3.14 -4.38
CA ASP A 528 -3.02 4.44 -4.16
C ASP A 528 -2.21 5.36 -3.25
N ASN A 529 -1.04 4.95 -2.76
CA ASN A 529 -0.12 5.98 -2.35
C ASN A 529 0.10 7.01 -3.46
N SER A 530 -0.10 6.60 -4.72
CA SER A 530 0.02 7.55 -5.84
C SER A 530 -1.00 8.68 -5.72
N ARG A 531 -2.14 8.41 -5.10
CA ARG A 531 -3.13 9.46 -4.89
C ARG A 531 -2.60 10.53 -3.96
N ALA A 532 -1.90 10.12 -2.89
CA ALA A 532 -1.28 11.13 -2.04
C ALA A 532 -0.25 11.95 -2.80
N VAL A 533 0.49 11.31 -3.72
CA VAL A 533 1.40 12.08 -4.55
C VAL A 533 0.62 13.09 -5.39
N ALA A 534 -0.49 12.67 -6.00
CA ALA A 534 -1.27 13.62 -6.81
C ALA A 534 -1.72 14.80 -5.97
N LEU A 535 -2.15 14.55 -4.74
CA LEU A 535 -2.61 15.63 -3.88
C LEU A 535 -1.47 16.59 -3.55
N VAL A 536 -0.35 16.02 -3.12
CA VAL A 536 0.81 16.83 -2.73
C VAL A 536 1.38 17.58 -3.91
N ALA A 537 1.40 16.96 -5.09
CA ALA A 537 1.88 17.63 -6.28
C ALA A 537 0.95 18.78 -6.67
N ALA A 538 -0.34 18.57 -6.50
CA ALA A 538 -1.27 19.66 -6.81
C ALA A 538 -1.09 20.82 -5.83
N LEU A 539 -0.84 20.52 -4.55
CA LEU A 539 -0.55 21.57 -3.58
C LEU A 539 0.71 22.31 -3.96
N ALA A 540 1.77 21.58 -4.30
CA ALA A 540 3.00 22.22 -4.74
C ALA A 540 2.74 23.15 -5.92
N ASN A 541 1.99 22.68 -6.92
CA ASN A 541 1.76 23.49 -8.10
C ASN A 541 0.96 24.74 -7.74
N ARG A 542 0.01 24.61 -6.83
CA ARG A 542 -0.80 25.77 -6.45
C ARG A 542 0.03 26.80 -5.71
N LEU A 543 1.04 26.36 -4.97
CA LEU A 543 1.92 27.24 -4.21
C LEU A 543 3.12 27.71 -5.00
N GLY A 544 3.38 27.10 -6.14
CA GLY A 544 4.57 27.42 -6.92
C GLY A 544 5.87 27.02 -6.27
N VAL A 545 5.85 25.95 -5.44
CA VAL A 545 7.07 25.42 -4.84
C VAL A 545 7.17 23.93 -5.12
N ASP A 546 8.36 23.38 -4.87
CA ASP A 546 8.59 21.94 -5.00
C ASP A 546 8.17 21.21 -3.72
N LEU A 547 7.96 19.90 -3.84
CA LEU A 547 7.47 19.09 -2.73
C LEU A 547 8.39 19.15 -1.50
N ASP A 548 9.70 19.36 -1.70
CA ASP A 548 10.61 19.40 -0.57
C ASP A 548 10.58 20.74 0.19
N ARG A 549 9.67 21.66 -0.15
CA ARG A 549 9.38 22.81 0.69
C ARG A 549 8.04 22.68 1.41
N LEU A 550 7.25 21.58 1.13
CA LEU A 550 5.92 21.48 1.76
C LEU A 550 6.00 20.80 3.11
N PRO A 551 5.13 21.17 4.06
CA PRO A 551 5.09 20.44 5.34
C PRO A 551 4.32 19.14 5.26
N VAL A 552 4.92 18.18 4.55
CA VAL A 552 4.34 16.88 4.26
C VAL A 552 5.39 15.84 4.57
N VAL A 553 4.99 14.79 5.29
CA VAL A 553 5.89 13.70 5.65
C VAL A 553 5.17 12.38 5.40
N ALA A 554 5.94 11.27 5.48
CA ALA A 554 5.39 9.92 5.32
C ALA A 554 5.95 9.04 6.43
N SER A 555 5.17 8.04 6.81
CA SER A 555 5.59 7.07 7.83
C SER A 555 5.17 5.67 7.40
N ALA A 556 6.16 4.83 7.12
CA ALA A 556 5.96 3.39 6.95
C ALA A 556 6.28 2.79 8.31
N ALA A 557 5.31 2.90 9.21
CA ALA A 557 5.59 2.74 10.63
C ALA A 557 5.84 1.30 11.05
N GLU A 558 5.36 0.32 10.29
CA GLU A 558 5.54 -1.12 10.62
C GLU A 558 5.88 -1.92 9.36
N ALA A 559 6.76 -1.36 8.53
CA ALA A 559 7.02 -1.88 7.19
C ALA A 559 7.50 -3.33 7.20
N MET A 560 7.14 -4.06 6.13
CA MET A 560 7.52 -5.45 5.98
C MET A 560 7.98 -5.76 4.55
N HIS A 561 7.16 -5.46 3.56
CA HIS A 561 7.33 -6.01 2.22
C HIS A 561 8.35 -5.20 1.48
N GLU A 562 8.99 -5.85 0.49
CA GLU A 562 9.88 -5.13 -0.40
C GLU A 562 9.15 -3.96 -1.06
N LYS A 563 7.87 -4.13 -1.36
CA LYS A 563 7.07 -3.03 -1.89
C LYS A 563 7.10 -1.81 -0.96
N ALA A 564 7.10 -2.05 0.35
CA ALA A 564 7.12 -0.93 1.29
C ALA A 564 8.47 -0.22 1.28
N VAL A 565 9.56 -0.97 1.09
CA VAL A 565 10.86 -0.30 0.94
C VAL A 565 10.89 0.55 -0.33
N ALA A 566 10.34 0.04 -1.43
CA ALA A 566 10.26 0.83 -2.65
C ALA A 566 9.45 2.11 -2.44
N ILE A 567 8.30 2.02 -1.80
CA ILE A 567 7.49 3.22 -1.57
C ILE A 567 8.25 4.20 -0.69
N GLY A 568 8.82 3.73 0.41
CA GLY A 568 9.58 4.64 1.26
C GLY A 568 10.68 5.33 0.49
N THR A 569 11.33 4.60 -0.42
CA THR A 569 12.43 5.18 -1.18
C THR A 569 11.93 6.23 -2.17
N TRP A 570 10.79 6.00 -2.87
CA TRP A 570 10.34 7.07 -3.76
C TRP A 570 9.74 8.23 -2.98
N ALA A 571 9.21 8.03 -1.77
CA ALA A 571 8.81 9.17 -0.97
C ALA A 571 10.01 10.06 -0.71
N VAL A 572 11.16 9.47 -0.41
CA VAL A 572 12.38 10.25 -0.22
C VAL A 572 12.76 10.92 -1.53
N THR A 573 12.68 10.18 -2.63
CA THR A 573 13.14 10.68 -3.91
C THR A 573 12.31 11.86 -4.39
N ILE A 574 11.01 11.86 -4.10
CA ILE A 574 10.18 13.00 -4.54
C ILE A 574 10.21 14.17 -3.57
N GLY A 575 10.94 14.05 -2.45
CA GLY A 575 11.20 15.19 -1.57
C GLY A 575 10.68 15.13 -0.14
N LEU A 576 10.21 13.96 0.33
CA LEU A 576 9.58 13.92 1.64
C LEU A 576 10.48 13.38 2.75
N PRO A 577 10.43 13.96 3.94
CA PRO A 577 10.92 13.24 5.13
C PRO A 577 10.08 12.01 5.35
N THR A 578 10.74 10.84 5.47
CA THR A 578 10.07 9.56 5.38
C THR A 578 10.51 8.68 6.53
N HIS A 579 9.60 8.44 7.46
CA HIS A 579 9.90 7.61 8.60
C HIS A 579 9.70 6.15 8.24
N ILE A 580 10.60 5.30 8.76
CA ILE A 580 10.40 3.85 8.73
C ILE A 580 10.60 3.34 10.15
N GLY A 581 9.65 2.52 10.61
CA GLY A 581 9.56 2.13 12.01
C GLY A 581 10.06 0.74 12.28
N VAL A 582 10.64 0.11 11.29
CA VAL A 582 11.34 -1.17 11.41
CA VAL A 582 11.36 -1.14 11.48
C VAL A 582 12.72 -0.93 10.82
N LEU A 583 13.70 -1.68 11.28
CA LEU A 583 15.04 -1.52 10.71
C LEU A 583 15.12 -2.13 9.32
N PRO A 584 15.40 -1.37 8.27
CA PRO A 584 15.81 -1.99 7.03
C PRO A 584 17.25 -2.45 7.17
N PRO A 585 17.72 -3.31 6.31
CA PRO A 585 19.03 -3.95 6.56
C PRO A 585 20.18 -3.03 6.13
N ILE A 586 20.37 -1.95 6.89
CA ILE A 586 21.33 -0.92 6.50
C ILE A 586 22.28 -0.54 7.62
N THR A 587 22.00 -0.97 8.84
CA THR A 587 22.79 -0.47 9.96
C THR A 587 24.22 -1.02 9.99
N GLY A 588 24.50 -2.09 9.24
CA GLY A 588 25.86 -2.55 9.09
C GLY A 588 26.77 -1.66 8.27
N SER A 589 26.24 -0.61 7.63
CA SER A 589 27.10 0.34 6.93
C SER A 589 26.75 1.76 7.35
N LEU A 590 27.65 2.39 8.10
CA LEU A 590 27.38 3.77 8.47
C LEU A 590 27.37 4.66 7.23
N PRO A 591 28.26 4.47 6.26
CA PRO A 591 28.19 5.32 5.07
C PRO A 591 26.86 5.25 4.34
N VAL A 592 26.30 4.05 4.19
CA VAL A 592 25.00 3.95 3.53
C VAL A 592 23.92 4.59 4.39
N THR A 593 23.96 4.35 5.69
CA THR A 593 22.98 4.98 6.58
C THR A 593 23.04 6.50 6.46
N GLN A 594 24.25 7.05 6.39
CA GLN A 594 24.41 8.49 6.32
C GLN A 594 23.88 9.04 5.01
N ILE A 595 24.07 8.31 3.90
CA ILE A 595 23.48 8.75 2.64
C ILE A 595 21.96 8.78 2.78
N LEU A 596 21.38 7.70 3.29
CA LEU A 596 19.93 7.55 3.25
C LEU A 596 19.21 8.44 4.24
N THR A 597 19.87 8.81 5.33
CA THR A 597 19.25 9.65 6.35
C THR A 597 19.71 11.09 6.34
N SER A 598 20.74 11.42 5.57
CA SER A 598 21.30 12.77 5.62
C SER A 598 21.71 13.31 4.26
N SER A 599 22.73 12.75 3.61
CA SER A 599 23.22 13.45 2.43
CA SER A 599 23.24 13.40 2.41
C SER A 599 22.25 13.36 1.25
N VAL A 600 21.32 12.40 1.23
CA VAL A 600 20.31 12.44 0.17
C VAL A 600 19.48 13.72 0.20
N LYS A 601 19.41 14.40 1.36
CA LYS A 601 18.73 15.69 1.42
C LYS A 601 19.26 16.62 0.36
N ASP A 602 20.56 16.55 0.12
CA ASP A 602 21.21 17.45 -0.84
C ASP A 602 20.92 17.08 -2.28
N ILE A 603 20.36 15.91 -2.51
CA ILE A 603 20.04 15.42 -3.84
C ILE A 603 18.56 15.66 -4.11
N THR A 604 17.70 15.09 -3.27
CA THR A 604 16.25 15.14 -3.51
C THR A 604 15.47 15.99 -2.53
N GLY A 605 16.08 16.40 -1.41
CA GLY A 605 15.39 17.15 -0.38
C GLY A 605 14.63 16.31 0.60
N GLY A 606 14.38 15.05 0.29
CA GLY A 606 13.82 14.12 1.23
C GLY A 606 14.91 13.35 1.94
N TYR A 607 14.49 12.49 2.83
CA TYR A 607 15.43 11.70 3.63
C TYR A 607 14.67 10.71 4.49
N PHE A 608 15.32 9.60 4.86
CA PHE A 608 14.73 8.65 5.79
C PHE A 608 14.95 9.09 7.22
N ILE A 609 13.94 8.81 8.05
CA ILE A 609 14.00 8.91 9.50
C ILE A 609 13.83 7.49 10.02
N VAL A 610 14.91 6.87 10.50
CA VAL A 610 14.84 5.50 10.98
C VAL A 610 14.63 5.59 12.49
N GLU A 611 13.48 5.12 12.97
CA GLU A 611 13.19 5.25 14.39
C GLU A 611 12.22 4.19 14.83
N LEU A 612 12.70 3.26 15.65
CA LEU A 612 11.89 2.16 16.16
CA LEU A 612 11.85 2.18 16.11
C LEU A 612 10.94 2.56 17.28
N ASP A 613 11.26 3.59 18.05
CA ASP A 613 10.40 3.99 19.16
C ASP A 613 9.32 4.92 18.64
N PRO A 614 8.03 4.56 18.74
CA PRO A 614 7.02 5.37 18.06
C PRO A 614 6.80 6.73 18.68
N GLU A 615 6.92 6.90 20.01
CA GLU A 615 6.80 8.26 20.54
CA GLU A 615 6.81 8.26 20.55
C GLU A 615 7.94 9.15 20.03
N THR A 616 9.15 8.59 19.94
CA THR A 616 10.28 9.35 19.39
C THR A 616 10.08 9.63 17.90
N ALA A 617 9.59 8.64 17.16
CA ALA A 617 9.29 8.85 15.73
C ALA A 617 8.31 10.00 15.54
N ALA A 618 7.24 10.03 16.34
CA ALA A 618 6.28 11.12 16.22
C ALA A 618 6.95 12.48 16.44
N ASP A 619 7.81 12.59 17.45
CA ASP A 619 8.48 13.86 17.68
C ASP A 619 9.38 14.23 16.51
N LYS A 620 10.06 13.24 15.94
CA LYS A 620 10.93 13.48 14.78
C LYS A 620 10.10 13.91 13.57
N LEU A 621 8.92 13.30 13.38
CA LEU A 621 8.07 13.70 12.27
C LEU A 621 7.51 15.09 12.48
N LEU A 622 7.12 15.42 13.72
CA LEU A 622 6.69 16.79 13.99
C LEU A 622 7.82 17.77 13.76
N ALA A 623 9.04 17.42 14.17
CA ALA A 623 10.15 18.32 13.91
C ALA A 623 10.35 18.54 12.41
N ALA A 624 10.23 17.49 11.61
CA ALA A 624 10.38 17.64 10.17
C ALA A 624 9.27 18.52 9.59
N ILE A 625 8.03 18.30 10.01
CA ILE A 625 6.93 19.16 9.57
C ILE A 625 7.20 20.61 9.94
N ASN A 626 7.65 20.85 11.19
CA ASN A 626 7.84 22.21 11.65
C ASN A 626 9.02 22.90 10.99
N GLU A 627 10.06 22.14 10.64
CA GLU A 627 11.16 22.70 9.87
C GLU A 627 10.68 23.17 8.51
N ARG A 628 9.79 22.40 7.90
CA ARG A 628 9.23 22.82 6.62
CA ARG A 628 9.23 22.82 6.62
C ARG A 628 8.37 24.08 6.80
N ARG A 629 7.54 24.11 7.85
CA ARG A 629 6.78 25.35 8.11
C ARG A 629 7.72 26.54 8.26
N ALA A 630 8.80 26.38 9.02
CA ALA A 630 9.76 27.47 9.18
C ALA A 630 10.36 27.90 7.84
N GLY A 631 10.66 26.95 6.97
CA GLY A 631 11.22 27.29 5.67
C GLY A 631 10.26 28.11 4.81
N LEU A 632 8.96 27.96 5.06
CA LEU A 632 7.94 28.73 4.37
C LEU A 632 7.63 30.04 5.08
N GLY A 633 8.35 30.34 6.17
CA GLY A 633 8.05 31.52 6.95
C GLY A 633 6.79 31.45 7.79
N LEU A 634 6.30 30.26 8.10
CA LEU A 634 5.05 30.11 8.82
C LEU A 634 5.29 29.93 10.31
N PRO A 635 4.38 30.38 11.17
CA PRO A 635 4.49 30.04 12.59
C PRO A 635 4.38 28.53 12.78
N TRP A 636 4.97 28.05 13.88
CA TRP A 636 4.86 26.63 14.23
C TRP A 636 4.95 26.41 15.75
#